data_2JSA
#
_entry.id   2JSA
#
_cell.length_a   1.000
_cell.length_b   1.000
_cell.length_c   1.000
_cell.angle_alpha   90.00
_cell.angle_beta   90.00
_cell.angle_gamma   90.00
#
_symmetry.space_group_name_H-M   'P 1'
#
_entity_poly.entity_id   1
_entity_poly.type   'polypeptide(L)'
_entity_poly.pdbx_seq_one_letter_code
;MSGSHHHHHHSSGIEGRGRSALSCQMCELVVKKYEGSADKDANVIKKDFDAECKKLFHTIPFGTRECDHYVNSKVDPIIH
ELEGGTAPKDVCTKLNECP
;
_entity_poly.pdbx_strand_id   A
#
# COMPACT_ATOMS: atom_id res chain seq x y z
N ARG A 19 7.25 13.67 2.47
CA ARG A 19 7.90 12.65 1.66
C ARG A 19 7.79 13.02 0.18
N SER A 20 6.57 12.89 -0.34
CA SER A 20 6.33 13.20 -1.74
C SER A 20 7.29 12.42 -2.63
N ALA A 21 6.90 11.19 -2.95
CA ALA A 21 7.72 10.33 -3.79
C ALA A 21 6.97 9.04 -4.08
N LEU A 22 7.73 7.97 -4.23
CA LEU A 22 7.15 6.66 -4.50
C LEU A 22 6.26 6.24 -3.33
N SER A 23 6.42 6.96 -2.23
CA SER A 23 5.65 6.67 -1.03
C SER A 23 4.19 6.43 -1.40
N CYS A 24 3.65 7.37 -2.19
CA CYS A 24 2.27 7.27 -2.61
C CYS A 24 2.09 5.95 -3.36
N GLN A 25 2.90 5.76 -4.38
CA GLN A 25 2.84 4.56 -5.18
C GLN A 25 2.48 3.35 -4.30
N MET A 26 3.33 3.11 -3.31
CA MET A 26 3.11 2.00 -2.39
C MET A 26 1.65 1.96 -1.91
N CYS A 27 1.18 3.12 -1.48
CA CYS A 27 -0.19 3.23 -1.00
C CYS A 27 -1.13 2.74 -2.09
N GLU A 28 -0.71 2.95 -3.33
CA GLU A 28 -1.50 2.53 -4.47
C GLU A 28 -1.24 1.05 -4.79
N LEU A 29 -0.30 0.48 -4.05
CA LEU A 29 0.06 -0.92 -4.24
C LEU A 29 -0.78 -1.78 -3.29
N VAL A 30 -0.93 -1.29 -2.06
CA VAL A 30 -1.69 -2.01 -1.06
C VAL A 30 -3.17 -1.93 -1.40
N VAL A 31 -3.62 -0.71 -1.68
CA VAL A 31 -5.02 -0.48 -2.01
C VAL A 31 -5.35 -1.26 -3.30
N LYS A 32 -4.61 -0.95 -4.35
CA LYS A 32 -4.82 -1.59 -5.63
C LYS A 32 -4.96 -3.10 -5.42
N LYS A 33 -4.26 -3.60 -4.41
CA LYS A 33 -4.32 -5.01 -4.10
C LYS A 33 -5.56 -5.29 -3.24
N TYR A 34 -5.87 -4.34 -2.38
CA TYR A 34 -7.02 -4.47 -1.49
C TYR A 34 -8.32 -4.32 -2.28
N GLU A 35 -8.54 -3.11 -2.77
CA GLU A 35 -9.75 -2.82 -3.53
C GLU A 35 -9.90 -3.82 -4.68
N GLY A 36 -8.76 -4.31 -5.16
CA GLY A 36 -8.76 -5.27 -6.24
C GLY A 36 -8.03 -6.55 -5.85
N SER A 37 -8.63 -7.27 -4.91
CA SER A 37 -8.04 -8.51 -4.43
C SER A 37 -8.79 -9.70 -5.01
N ALA A 38 -9.76 -10.19 -4.24
CA ALA A 38 -10.56 -11.33 -4.67
C ALA A 38 -11.22 -11.96 -3.45
N ASP A 39 -10.50 -11.94 -2.34
CA ASP A 39 -11.00 -12.52 -1.11
C ASP A 39 -11.25 -11.40 -0.09
N LYS A 40 -10.67 -10.24 -0.38
CA LYS A 40 -10.83 -9.08 0.48
C LYS A 40 -10.06 -9.33 1.79
N ASP A 41 -8.97 -10.07 1.67
CA ASP A 41 -8.15 -10.38 2.82
C ASP A 41 -7.04 -9.34 2.96
N ALA A 42 -7.11 -8.58 4.04
CA ALA A 42 -6.12 -7.55 4.29
C ALA A 42 -4.76 -8.21 4.55
N ASN A 43 -4.79 -9.51 4.70
CA ASN A 43 -3.57 -10.27 4.95
C ASN A 43 -2.90 -10.61 3.62
N VAL A 44 -3.68 -11.23 2.74
CA VAL A 44 -3.18 -11.61 1.43
C VAL A 44 -3.10 -10.37 0.54
N ILE A 45 -3.59 -9.25 1.07
CA ILE A 45 -3.57 -8.00 0.34
C ILE A 45 -2.23 -7.31 0.55
N LYS A 46 -1.88 -7.15 1.82
CA LYS A 46 -0.62 -6.51 2.16
C LYS A 46 0.54 -7.34 1.63
N LYS A 47 0.27 -8.63 1.44
CA LYS A 47 1.28 -9.54 0.92
C LYS A 47 1.53 -9.25 -0.55
N ASP A 48 0.43 -9.15 -1.29
CA ASP A 48 0.51 -8.89 -2.72
C ASP A 48 1.42 -7.68 -2.95
N PHE A 49 1.25 -6.68 -2.10
CA PHE A 49 2.04 -5.46 -2.20
C PHE A 49 3.54 -5.78 -2.18
N ASP A 50 3.97 -6.37 -1.07
CA ASP A 50 5.38 -6.73 -0.92
C ASP A 50 5.80 -7.64 -2.07
N ALA A 51 4.80 -8.25 -2.69
CA ALA A 51 5.04 -9.15 -3.81
C ALA A 51 5.83 -8.40 -4.89
N GLU A 52 5.14 -7.50 -5.56
CA GLU A 52 5.76 -6.71 -6.61
C GLU A 52 6.71 -5.67 -6.01
N CYS A 53 6.27 -5.09 -4.91
CA CYS A 53 7.06 -4.08 -4.23
C CYS A 53 8.50 -4.59 -4.12
N LYS A 54 8.63 -5.91 -4.15
CA LYS A 54 9.93 -6.53 -4.06
C LYS A 54 10.57 -6.60 -5.45
N LYS A 55 9.89 -7.29 -6.35
CA LYS A 55 10.36 -7.44 -7.71
C LYS A 55 10.35 -6.08 -8.40
N LEU A 56 9.14 -5.54 -8.54
CA LEU A 56 8.97 -4.24 -9.18
C LEU A 56 10.09 -3.30 -8.73
N PHE A 57 10.33 -3.29 -7.42
CA PHE A 57 11.35 -2.45 -6.85
C PHE A 57 12.45 -3.30 -6.19
N HIS A 58 12.92 -4.29 -6.93
CA HIS A 58 13.96 -5.17 -6.44
C HIS A 58 15.31 -4.46 -6.51
N THR A 59 15.38 -3.47 -7.39
CA THR A 59 16.60 -2.71 -7.56
C THR A 59 16.43 -1.28 -7.03
N ILE A 60 15.79 -1.20 -5.86
CA ILE A 60 15.56 0.08 -5.23
C ILE A 60 16.28 0.13 -3.89
N PRO A 61 16.82 1.34 -3.57
CA PRO A 61 17.54 1.53 -2.31
C PRO A 61 16.57 1.61 -1.13
N PHE A 62 16.50 0.51 -0.38
CA PHE A 62 15.62 0.44 0.77
C PHE A 62 14.17 0.25 0.33
N GLY A 63 13.97 0.17 -0.96
CA GLY A 63 12.65 -0.01 -1.52
C GLY A 63 11.96 -1.24 -0.91
N THR A 64 12.54 -2.40 -1.19
CA THR A 64 12.01 -3.65 -0.68
C THR A 64 11.96 -3.62 0.86
N ARG A 65 12.91 -2.89 1.43
CA ARG A 65 12.98 -2.77 2.88
C ARG A 65 11.74 -2.06 3.42
N GLU A 66 11.50 -0.87 2.90
CA GLU A 66 10.35 -0.08 3.31
C GLU A 66 9.05 -0.78 2.93
N CYS A 67 9.13 -1.53 1.83
CA CYS A 67 7.97 -2.27 1.35
C CYS A 67 7.35 -3.02 2.53
N ASP A 68 8.09 -4.02 2.99
CA ASP A 68 7.62 -4.84 4.11
C ASP A 68 7.31 -3.92 5.29
N HIS A 69 7.97 -2.77 5.31
CA HIS A 69 7.78 -1.81 6.38
C HIS A 69 6.53 -0.95 6.08
N TYR A 70 5.87 -1.30 4.99
CA TYR A 70 4.67 -0.58 4.58
C TYR A 70 3.43 -1.46 4.72
N VAL A 71 3.56 -2.68 4.24
CA VAL A 71 2.45 -3.63 4.29
C VAL A 71 2.01 -3.80 5.75
N ASN A 72 2.88 -3.38 6.66
CA ASN A 72 2.58 -3.48 8.08
C ASN A 72 2.99 -2.18 8.76
N SER A 73 2.24 -1.13 8.46
CA SER A 73 2.51 0.17 9.05
C SER A 73 1.63 1.23 8.39
N LYS A 74 1.38 1.04 7.10
CA LYS A 74 0.55 1.97 6.35
C LYS A 74 -0.55 1.19 5.63
N VAL A 75 -0.68 -0.07 6.00
CA VAL A 75 -1.69 -0.93 5.39
C VAL A 75 -2.93 -0.98 6.28
N ASP A 76 -2.67 -1.15 7.58
CA ASP A 76 -3.76 -1.22 8.55
C ASP A 76 -4.64 0.02 8.41
N PRO A 77 -3.97 1.19 8.25
CA PRO A 77 -4.68 2.45 8.11
C PRO A 77 -5.29 2.58 6.69
N ILE A 78 -4.41 2.46 5.71
CA ILE A 78 -4.84 2.56 4.32
C ILE A 78 -6.09 1.71 4.12
N ILE A 79 -5.97 0.43 4.47
CA ILE A 79 -7.07 -0.50 4.34
C ILE A 79 -8.23 -0.04 5.21
N HIS A 80 -7.89 0.76 6.21
CA HIS A 80 -8.89 1.28 7.13
C HIS A 80 -9.86 2.19 6.38
N GLU A 81 -9.28 3.05 5.56
CA GLU A 81 -10.07 3.99 4.79
C GLU A 81 -11.04 3.24 3.87
N LEU A 82 -10.46 2.44 2.99
CA LEU A 82 -11.25 1.65 2.05
C LEU A 82 -12.21 0.75 2.82
N GLU A 83 -11.89 0.58 4.10
CA GLU A 83 -12.71 -0.27 4.97
C GLU A 83 -14.01 0.44 5.33
N GLY A 84 -13.92 1.77 5.41
CA GLY A 84 -15.09 2.57 5.74
C GLY A 84 -15.88 2.93 4.48
N GLY A 85 -15.15 3.17 3.40
CA GLY A 85 -15.78 3.52 2.14
C GLY A 85 -15.02 4.67 1.45
N THR A 86 -13.70 4.57 1.49
CA THR A 86 -12.86 5.59 0.88
C THR A 86 -12.21 5.05 -0.39
N ALA A 87 -11.97 5.95 -1.33
CA ALA A 87 -11.36 5.58 -2.59
C ALA A 87 -9.84 5.49 -2.40
N PRO A 88 -9.18 4.80 -3.37
CA PRO A 88 -7.73 4.64 -3.33
C PRO A 88 -7.03 5.94 -3.71
N LYS A 89 -7.82 6.91 -4.12
CA LYS A 89 -7.28 8.19 -4.53
C LYS A 89 -7.63 9.24 -3.47
N ASP A 90 -8.31 8.78 -2.43
CA ASP A 90 -8.71 9.66 -1.34
C ASP A 90 -7.86 9.37 -0.11
N VAL A 91 -7.37 8.14 -0.04
CA VAL A 91 -6.54 7.71 1.07
C VAL A 91 -5.19 8.43 1.00
N CYS A 92 -4.54 8.28 -0.13
CA CYS A 92 -3.24 8.89 -0.35
C CYS A 92 -3.44 10.41 -0.47
N THR A 93 -3.85 11.01 0.64
CA THR A 93 -4.09 12.45 0.66
C THR A 93 -4.52 12.90 2.06
N LYS A 94 -5.67 12.40 2.47
CA LYS A 94 -6.20 12.73 3.79
C LYS A 94 -5.42 11.98 4.86
N LEU A 95 -4.85 10.85 4.45
CA LEU A 95 -4.07 10.03 5.37
C LEU A 95 -2.66 10.60 5.47
N ASN A 96 -2.48 11.79 4.91
CA ASN A 96 -1.19 12.45 4.94
C ASN A 96 -0.08 11.41 4.71
N GLU A 97 -0.41 10.41 3.92
CA GLU A 97 0.53 9.35 3.62
C GLU A 97 1.25 9.63 2.30
N CYS A 98 0.47 10.11 1.33
CA CYS A 98 1.02 10.43 0.02
C CYS A 98 2.26 11.31 0.22
N PRO A 99 2.07 12.37 1.06
CA PRO A 99 3.16 13.29 1.34
C PRO A 99 4.18 12.67 2.29
N ARG A 19 9.49 11.56 3.12
CA ARG A 19 8.07 11.82 3.13
C ARG A 19 7.52 11.84 1.71
N SER A 20 8.07 12.75 0.91
CA SER A 20 7.64 12.87 -0.47
C SER A 20 8.57 12.08 -1.38
N ALA A 21 8.08 10.91 -1.80
CA ALA A 21 8.85 10.05 -2.67
C ALA A 21 7.95 8.97 -3.25
N LEU A 22 8.52 7.80 -3.44
CA LEU A 22 7.76 6.68 -3.99
C LEU A 22 6.85 6.10 -2.91
N SER A 23 6.96 6.68 -1.71
CA SER A 23 6.15 6.24 -0.59
C SER A 23 4.67 6.29 -0.97
N CYS A 24 4.30 7.35 -1.68
CA CYS A 24 2.92 7.53 -2.11
C CYS A 24 2.52 6.33 -2.96
N GLN A 25 3.36 6.04 -3.94
CA GLN A 25 3.11 4.93 -4.84
C GLN A 25 2.74 3.67 -4.04
N MET A 26 3.56 3.38 -3.05
CA MET A 26 3.32 2.21 -2.20
C MET A 26 1.87 2.17 -1.73
N CYS A 27 1.37 3.33 -1.33
CA CYS A 27 0.01 3.43 -0.85
C CYS A 27 -0.93 2.97 -1.97
N GLU A 28 -0.47 3.18 -3.21
CA GLU A 28 -1.25 2.79 -4.37
C GLU A 28 -1.05 1.30 -4.67
N LEU A 29 -0.11 0.71 -3.94
CA LEU A 29 0.20 -0.70 -4.13
C LEU A 29 -0.69 -1.53 -3.21
N VAL A 30 -0.78 -1.10 -1.96
CA VAL A 30 -1.58 -1.80 -0.97
C VAL A 30 -3.06 -1.72 -1.39
N VAL A 31 -3.51 -0.50 -1.62
CA VAL A 31 -4.89 -0.28 -2.02
C VAL A 31 -5.17 -1.05 -3.31
N LYS A 32 -4.40 -0.73 -4.33
CA LYS A 32 -4.55 -1.38 -5.63
C LYS A 32 -4.69 -2.89 -5.41
N LYS A 33 -4.04 -3.37 -4.36
CA LYS A 33 -4.08 -4.78 -4.03
C LYS A 33 -5.37 -5.10 -3.29
N TYR A 34 -5.78 -4.17 -2.45
CA TYR A 34 -6.99 -4.33 -1.68
C TYR A 34 -8.23 -4.08 -2.54
N GLU A 35 -8.38 -2.83 -2.94
CA GLU A 35 -9.51 -2.45 -3.77
C GLU A 35 -9.69 -3.44 -4.93
N GLY A 36 -8.57 -3.91 -5.43
CA GLY A 36 -8.58 -4.86 -6.53
C GLY A 36 -7.98 -6.21 -6.11
N SER A 37 -8.46 -6.69 -4.96
CA SER A 37 -7.99 -7.96 -4.43
C SER A 37 -8.99 -9.07 -4.78
N ALA A 38 -10.24 -8.83 -4.45
CA ALA A 38 -11.28 -9.80 -4.73
C ALA A 38 -11.29 -10.86 -3.63
N ASP A 39 -10.31 -10.75 -2.73
CA ASP A 39 -10.20 -11.69 -1.63
C ASP A 39 -10.63 -11.00 -0.33
N LYS A 40 -10.72 -9.69 -0.39
CA LYS A 40 -11.11 -8.90 0.76
C LYS A 40 -10.33 -9.38 1.98
N ASP A 41 -9.04 -9.58 1.77
CA ASP A 41 -8.16 -10.03 2.85
C ASP A 41 -6.98 -9.06 2.97
N ALA A 42 -6.91 -8.41 4.13
CA ALA A 42 -5.84 -7.46 4.40
C ALA A 42 -4.53 -8.23 4.60
N ASN A 43 -4.64 -9.54 4.61
CA ASN A 43 -3.47 -10.39 4.80
C ASN A 43 -2.85 -10.69 3.43
N VAL A 44 -3.68 -11.14 2.51
CA VAL A 44 -3.22 -11.45 1.17
C VAL A 44 -3.06 -10.16 0.37
N ILE A 45 -3.54 -9.08 0.96
CA ILE A 45 -3.45 -7.78 0.32
C ILE A 45 -2.08 -7.16 0.61
N LYS A 46 -1.88 -6.84 1.87
CA LYS A 46 -0.62 -6.24 2.29
C LYS A 46 0.54 -7.11 1.81
N LYS A 47 0.30 -8.41 1.80
CA LYS A 47 1.31 -9.35 1.36
C LYS A 47 1.58 -9.16 -0.13
N ASP A 48 0.50 -8.99 -0.87
CA ASP A 48 0.59 -8.80 -2.30
C ASP A 48 1.52 -7.62 -2.60
N PHE A 49 1.25 -6.51 -1.90
CA PHE A 49 2.04 -5.31 -2.06
C PHE A 49 3.54 -5.64 -2.08
N ASP A 50 3.97 -6.34 -1.04
CA ASP A 50 5.37 -6.71 -0.93
C ASP A 50 5.76 -7.57 -2.13
N ALA A 51 4.76 -8.20 -2.73
CA ALA A 51 4.98 -9.04 -3.89
C ALA A 51 5.31 -8.16 -5.10
N GLU A 52 4.30 -7.43 -5.55
CA GLU A 52 4.47 -6.56 -6.69
C GLU A 52 5.65 -5.61 -6.48
N CYS A 53 5.90 -5.32 -5.20
CA CYS A 53 6.99 -4.44 -4.84
C CYS A 53 8.32 -5.18 -5.06
N LYS A 54 8.34 -6.42 -4.57
CA LYS A 54 9.52 -7.24 -4.70
C LYS A 54 9.95 -7.29 -6.17
N LYS A 55 9.01 -6.97 -7.04
CA LYS A 55 9.28 -6.96 -8.46
C LYS A 55 9.35 -5.52 -8.96
N LEU A 56 8.41 -4.71 -8.49
CA LEU A 56 8.37 -3.31 -8.88
C LEU A 56 9.62 -2.60 -8.36
N PHE A 57 9.72 -2.54 -7.04
CA PHE A 57 10.87 -1.89 -6.41
C PHE A 57 12.00 -2.89 -6.19
N HIS A 58 12.11 -3.83 -7.13
CA HIS A 58 13.15 -4.84 -7.05
C HIS A 58 14.52 -4.18 -7.25
N THR A 59 14.49 -3.03 -7.90
CA THR A 59 15.72 -2.29 -8.18
C THR A 59 15.70 -0.95 -7.45
N ILE A 60 15.64 -1.02 -6.14
CA ILE A 60 15.61 0.18 -5.31
C ILE A 60 16.35 -0.09 -4.00
N PRO A 61 17.07 0.95 -3.51
CA PRO A 61 17.82 0.83 -2.28
C PRO A 61 16.89 0.87 -1.06
N PHE A 62 16.71 -0.29 -0.46
CA PHE A 62 15.85 -0.40 0.70
C PHE A 62 14.38 -0.41 0.30
N GLY A 63 14.15 -0.25 -1.00
CA GLY A 63 12.80 -0.22 -1.53
C GLY A 63 12.00 -1.43 -1.03
N THR A 64 12.63 -2.59 -1.09
CA THR A 64 12.00 -3.82 -0.65
C THR A 64 11.85 -3.82 0.87
N ARG A 65 12.81 -3.19 1.53
CA ARG A 65 12.80 -3.13 2.98
C ARG A 65 11.61 -2.31 3.47
N GLU A 66 11.58 -1.05 3.06
CA GLU A 66 10.50 -0.16 3.44
C GLU A 66 9.15 -0.78 3.10
N CYS A 67 9.16 -1.61 2.06
CA CYS A 67 7.95 -2.28 1.63
C CYS A 67 7.44 -3.16 2.76
N ASP A 68 8.34 -4.01 3.25
CA ASP A 68 7.99 -4.92 4.33
C ASP A 68 7.67 -4.10 5.58
N HIS A 69 8.01 -2.82 5.52
CA HIS A 69 7.76 -1.93 6.64
C HIS A 69 6.56 -1.02 6.33
N TYR A 70 5.97 -1.27 5.17
CA TYR A 70 4.82 -0.50 4.74
C TYR A 70 3.54 -1.33 4.82
N VAL A 71 3.64 -2.57 4.36
CA VAL A 71 2.50 -3.46 4.37
C VAL A 71 1.97 -3.59 5.79
N ASN A 72 2.82 -3.22 6.75
CA ASN A 72 2.46 -3.28 8.14
C ASN A 72 2.85 -1.97 8.84
N SER A 73 2.36 -0.88 8.27
CA SER A 73 2.65 0.44 8.82
C SER A 73 1.69 1.47 8.24
N LYS A 74 1.59 1.46 6.92
CA LYS A 74 0.71 2.39 6.22
C LYS A 74 -0.43 1.61 5.55
N VAL A 75 -0.52 0.34 5.91
CA VAL A 75 -1.54 -0.52 5.35
C VAL A 75 -2.74 -0.58 6.31
N ASP A 76 -2.44 -0.85 7.56
CA ASP A 76 -3.46 -0.93 8.58
C ASP A 76 -4.38 0.29 8.47
N PRO A 77 -3.75 1.48 8.30
CA PRO A 77 -4.49 2.72 8.17
C PRO A 77 -5.14 2.83 6.79
N ILE A 78 -4.31 2.68 5.77
CA ILE A 78 -4.79 2.76 4.40
C ILE A 78 -6.04 1.89 4.24
N ILE A 79 -5.87 0.61 4.54
CA ILE A 79 -6.96 -0.33 4.44
C ILE A 79 -8.11 0.12 5.35
N HIS A 80 -7.75 0.93 6.33
CA HIS A 80 -8.73 1.45 7.27
C HIS A 80 -9.75 2.32 6.54
N GLU A 81 -9.26 3.01 5.52
CA GLU A 81 -10.10 3.89 4.73
C GLU A 81 -10.91 3.06 3.72
N LEU A 82 -10.19 2.32 2.90
CA LEU A 82 -10.83 1.48 1.90
C LEU A 82 -12.01 0.74 2.51
N GLU A 83 -11.78 0.24 3.72
CA GLU A 83 -12.81 -0.49 4.44
C GLU A 83 -14.01 0.42 4.73
N GLY A 84 -13.69 1.66 5.09
CA GLY A 84 -14.72 2.64 5.40
C GLY A 84 -15.60 2.90 4.18
N GLY A 85 -14.97 2.91 3.02
CA GLY A 85 -15.69 3.14 1.77
C GLY A 85 -14.89 4.07 0.85
N THR A 86 -13.80 4.61 1.39
CA THR A 86 -12.96 5.50 0.63
C THR A 86 -12.37 4.78 -0.59
N ALA A 87 -11.90 5.57 -1.54
CA ALA A 87 -11.32 5.02 -2.75
C ALA A 87 -9.86 4.65 -2.50
N PRO A 88 -9.32 3.79 -3.40
CA PRO A 88 -7.94 3.34 -3.27
C PRO A 88 -6.97 4.45 -3.69
N LYS A 89 -7.54 5.52 -4.21
CA LYS A 89 -6.74 6.66 -4.65
C LYS A 89 -7.10 7.89 -3.82
N ASP A 90 -7.98 7.67 -2.85
CA ASP A 90 -8.41 8.75 -1.97
C ASP A 90 -7.89 8.50 -0.56
N VAL A 91 -7.74 7.23 -0.24
CA VAL A 91 -7.25 6.84 1.07
C VAL A 91 -6.04 7.70 1.44
N CYS A 92 -4.86 7.18 1.14
CA CYS A 92 -3.63 7.89 1.43
C CYS A 92 -3.88 9.39 1.22
N THR A 93 -4.50 9.70 0.09
CA THR A 93 -4.80 11.08 -0.24
C THR A 93 -5.21 11.85 1.02
N LYS A 94 -6.40 11.53 1.51
CA LYS A 94 -6.92 12.18 2.70
C LYS A 94 -6.07 11.77 3.91
N LEU A 95 -5.47 10.59 3.80
CA LEU A 95 -4.64 10.08 4.87
C LEU A 95 -3.27 10.75 4.81
N ASN A 96 -3.18 11.77 3.97
CA ASN A 96 -1.93 12.50 3.80
C ASN A 96 -0.76 11.51 3.77
N GLU A 97 -1.06 10.31 3.29
CA GLU A 97 -0.05 9.27 3.20
C GLU A 97 0.34 9.05 1.73
N CYS A 98 0.98 10.07 1.17
CA CYS A 98 1.41 9.99 -0.22
C CYS A 98 1.87 11.38 -0.65
N PRO A 99 0.94 12.37 -0.47
CA PRO A 99 1.24 13.75 -0.84
C PRO A 99 2.18 14.39 0.18
N ARG A 19 12.06 9.71 2.24
CA ARG A 19 10.80 9.24 1.69
C ARG A 19 9.94 10.43 1.29
N SER A 20 9.31 10.30 0.12
CA SER A 20 8.44 11.35 -0.38
C SER A 20 7.94 10.99 -1.78
N ALA A 21 7.50 9.75 -1.91
CA ALA A 21 6.98 9.25 -3.18
C ALA A 21 6.60 7.78 -3.03
N LEU A 22 7.62 6.96 -2.77
CA LEU A 22 7.40 5.53 -2.61
C LEU A 22 6.21 5.30 -1.68
N SER A 23 6.35 5.83 -0.47
CA SER A 23 5.29 5.69 0.53
C SER A 23 3.92 5.77 -0.14
N CYS A 24 3.77 6.81 -0.95
CA CYS A 24 2.51 7.02 -1.66
C CYS A 24 2.30 5.86 -2.63
N GLN A 25 3.18 5.79 -3.62
CA GLN A 25 3.12 4.74 -4.62
C GLN A 25 2.70 3.42 -3.96
N MET A 26 3.45 3.05 -2.93
CA MET A 26 3.18 1.82 -2.21
C MET A 26 1.69 1.73 -1.81
N CYS A 27 1.13 2.88 -1.48
CA CYS A 27 -0.26 2.95 -1.08
C CYS A 27 -1.11 2.45 -2.25
N GLU A 28 -0.64 2.74 -3.46
CA GLU A 28 -1.35 2.34 -4.65
C GLU A 28 -1.09 0.85 -4.95
N LEU A 29 -0.15 0.29 -4.20
CA LEU A 29 0.20 -1.11 -4.37
C LEU A 29 -0.67 -1.97 -3.45
N VAL A 30 -0.88 -1.47 -2.24
CA VAL A 30 -1.68 -2.18 -1.26
C VAL A 30 -3.16 -2.08 -1.66
N VAL A 31 -3.58 -0.86 -1.95
CA VAL A 31 -4.96 -0.62 -2.35
C VAL A 31 -5.28 -1.46 -3.58
N LYS A 32 -4.51 -1.22 -4.64
CA LYS A 32 -4.71 -1.95 -5.89
C LYS A 32 -4.91 -3.43 -5.58
N LYS A 33 -4.22 -3.89 -4.54
CA LYS A 33 -4.31 -5.28 -4.14
C LYS A 33 -5.62 -5.51 -3.38
N TYR A 34 -5.96 -4.52 -2.56
CA TYR A 34 -7.18 -4.60 -1.77
C TYR A 34 -8.42 -4.33 -2.65
N GLU A 35 -8.52 -3.09 -3.11
CA GLU A 35 -9.63 -2.70 -3.94
C GLU A 35 -9.97 -3.82 -4.93
N GLY A 36 -8.93 -4.44 -5.46
CA GLY A 36 -9.11 -5.52 -6.42
C GLY A 36 -8.52 -6.83 -5.87
N SER A 37 -8.87 -7.13 -4.63
CA SER A 37 -8.38 -8.34 -3.99
C SER A 37 -9.22 -9.54 -4.44
N ALA A 38 -10.52 -9.42 -4.23
CA ALA A 38 -11.44 -10.49 -4.59
C ALA A 38 -11.48 -11.52 -3.47
N ASP A 39 -10.60 -11.35 -2.50
CA ASP A 39 -10.53 -12.26 -1.37
C ASP A 39 -10.90 -11.51 -0.10
N LYS A 40 -10.96 -10.19 -0.22
CA LYS A 40 -11.32 -9.35 0.91
C LYS A 40 -10.49 -9.77 2.14
N ASP A 41 -9.18 -9.65 1.99
CA ASP A 41 -8.27 -10.01 3.06
C ASP A 41 -7.08 -9.04 3.08
N ALA A 42 -6.92 -8.36 4.20
CA ALA A 42 -5.83 -7.41 4.35
C ALA A 42 -4.53 -8.17 4.57
N ASN A 43 -4.64 -9.49 4.62
CA ASN A 43 -3.48 -10.34 4.82
C ASN A 43 -2.83 -10.64 3.48
N VAL A 44 -3.66 -11.02 2.52
CA VAL A 44 -3.18 -11.33 1.18
C VAL A 44 -2.92 -10.03 0.42
N ILE A 45 -3.46 -8.95 0.95
CA ILE A 45 -3.29 -7.64 0.33
C ILE A 45 -1.90 -7.11 0.66
N LYS A 46 -1.70 -6.79 1.93
CA LYS A 46 -0.42 -6.27 2.38
C LYS A 46 0.70 -7.20 1.91
N LYS A 47 0.38 -8.49 1.87
CA LYS A 47 1.35 -9.48 1.43
C LYS A 47 1.64 -9.28 -0.06
N ASP A 48 0.61 -9.50 -0.87
CA ASP A 48 0.75 -9.36 -2.30
C ASP A 48 1.57 -8.10 -2.61
N PHE A 49 1.18 -7.00 -1.98
CA PHE A 49 1.86 -5.74 -2.18
C PHE A 49 3.38 -5.95 -2.19
N ASP A 50 3.88 -6.50 -1.09
CA ASP A 50 5.30 -6.75 -0.96
C ASP A 50 5.79 -7.56 -2.17
N ALA A 51 4.88 -8.37 -2.70
CA ALA A 51 5.20 -9.21 -3.85
C ALA A 51 5.56 -8.31 -5.03
N GLU A 52 4.67 -7.38 -5.33
CA GLU A 52 4.89 -6.45 -6.43
C GLU A 52 5.84 -5.33 -6.01
N CYS A 53 6.16 -5.33 -4.72
CA CYS A 53 7.07 -4.32 -4.18
C CYS A 53 8.50 -4.72 -4.55
N LYS A 54 8.83 -5.97 -4.26
CA LYS A 54 10.15 -6.48 -4.56
C LYS A 54 10.35 -6.54 -6.07
N LYS A 55 9.24 -6.68 -6.78
CA LYS A 55 9.27 -6.75 -8.22
C LYS A 55 9.34 -5.34 -8.80
N LEU A 56 8.37 -4.52 -8.40
CA LEU A 56 8.32 -3.15 -8.88
C LEU A 56 9.55 -2.39 -8.37
N PHE A 57 9.71 -2.39 -7.06
CA PHE A 57 10.85 -1.71 -6.44
C PHE A 57 12.07 -2.63 -6.40
N HIS A 58 12.15 -3.51 -7.38
CA HIS A 58 13.25 -4.45 -7.46
C HIS A 58 14.57 -3.67 -7.54
N THR A 59 14.49 -2.50 -8.13
CA THR A 59 15.66 -1.66 -8.28
C THR A 59 15.45 -0.32 -7.55
N ILE A 60 15.45 -0.40 -6.23
CA ILE A 60 15.27 0.79 -5.42
C ILE A 60 16.07 0.64 -4.12
N PRO A 61 16.65 1.79 -3.66
CA PRO A 61 17.43 1.79 -2.43
C PRO A 61 16.53 1.71 -1.21
N PHE A 62 16.41 0.51 -0.67
CA PHE A 62 15.58 0.28 0.51
C PHE A 62 14.10 0.26 0.13
N GLY A 63 13.84 0.43 -1.15
CA GLY A 63 12.48 0.43 -1.65
C GLY A 63 11.68 -0.73 -1.06
N THR A 64 12.16 -1.94 -1.33
CA THR A 64 11.51 -3.14 -0.84
C THR A 64 11.52 -3.16 0.69
N ARG A 65 12.65 -2.74 1.25
CA ARG A 65 12.81 -2.72 2.69
C ARG A 65 11.67 -1.94 3.34
N GLU A 66 11.25 -0.88 2.65
CA GLU A 66 10.18 -0.05 3.14
C GLU A 66 8.82 -0.73 2.90
N CYS A 67 8.74 -1.42 1.78
CA CYS A 67 7.51 -2.12 1.41
C CYS A 67 7.13 -3.04 2.57
N ASP A 68 8.14 -3.70 3.12
CA ASP A 68 7.93 -4.62 4.23
C ASP A 68 7.46 -3.82 5.45
N HIS A 69 8.04 -2.65 5.61
CA HIS A 69 7.70 -1.79 6.73
C HIS A 69 6.48 -0.93 6.37
N TYR A 70 5.84 -1.31 5.27
CA TYR A 70 4.67 -0.59 4.80
C TYR A 70 3.41 -1.44 4.96
N VAL A 71 3.50 -2.68 4.49
CA VAL A 71 2.39 -3.60 4.57
C VAL A 71 1.89 -3.68 6.01
N ASN A 72 2.77 -3.28 6.93
CA ASN A 72 2.44 -3.30 8.34
C ASN A 72 2.90 -1.98 8.98
N SER A 73 2.21 -0.92 8.63
CA SER A 73 2.52 0.39 9.17
C SER A 73 1.72 1.47 8.43
N LYS A 74 1.47 1.21 7.16
CA LYS A 74 0.71 2.15 6.35
C LYS A 74 -0.40 1.40 5.61
N VAL A 75 -0.52 0.12 5.95
CA VAL A 75 -1.54 -0.72 5.33
C VAL A 75 -2.77 -0.77 6.23
N ASP A 76 -2.51 -0.97 7.52
CA ASP A 76 -3.58 -1.04 8.49
C ASP A 76 -4.50 0.17 8.31
N PRO A 77 -3.87 1.36 8.15
CA PRO A 77 -4.62 2.60 7.97
C PRO A 77 -5.21 2.68 6.57
N ILE A 78 -4.32 2.58 5.58
CA ILE A 78 -4.74 2.65 4.19
C ILE A 78 -5.96 1.76 4.00
N ILE A 79 -5.79 0.49 4.32
CA ILE A 79 -6.88 -0.47 4.18
C ILE A 79 -8.06 -0.03 5.03
N HIS A 80 -7.76 0.78 6.04
CA HIS A 80 -8.79 1.28 6.92
C HIS A 80 -9.75 2.19 6.14
N GLU A 81 -9.16 3.07 5.35
CA GLU A 81 -9.95 3.99 4.55
C GLU A 81 -10.85 3.22 3.58
N LEU A 82 -10.22 2.30 2.85
CA LEU A 82 -10.96 1.49 1.89
C LEU A 82 -12.05 0.69 2.62
N GLU A 83 -11.70 0.25 3.82
CA GLU A 83 -12.63 -0.52 4.62
C GLU A 83 -13.89 0.30 4.92
N GLY A 84 -13.67 1.52 5.38
CA GLY A 84 -14.77 2.41 5.70
C GLY A 84 -15.61 2.72 4.45
N GLY A 85 -14.89 3.02 3.37
CA GLY A 85 -15.55 3.32 2.11
C GLY A 85 -14.91 4.54 1.43
N THR A 86 -13.59 4.56 1.46
CA THR A 86 -12.83 5.64 0.87
C THR A 86 -12.04 5.15 -0.34
N ALA A 87 -12.16 5.88 -1.44
CA ALA A 87 -11.46 5.52 -2.65
C ALA A 87 -9.96 5.45 -2.38
N PRO A 88 -9.23 4.78 -3.31
CA PRO A 88 -7.79 4.62 -3.17
C PRO A 88 -7.07 5.93 -3.50
N LYS A 89 -7.80 6.83 -4.14
CA LYS A 89 -7.24 8.12 -4.51
C LYS A 89 -7.60 9.16 -3.45
N ASP A 90 -8.27 8.67 -2.40
CA ASP A 90 -8.68 9.55 -1.32
C ASP A 90 -7.81 9.27 -0.08
N VAL A 91 -7.40 8.02 0.04
CA VAL A 91 -6.57 7.61 1.15
C VAL A 91 -5.18 8.25 1.02
N CYS A 92 -4.64 8.15 -0.19
CA CYS A 92 -3.33 8.71 -0.48
C CYS A 92 -3.49 10.21 -0.69
N THR A 93 -3.84 10.90 0.37
CA THR A 93 -4.03 12.34 0.31
C THR A 93 -4.36 12.90 1.70
N LYS A 94 -5.45 12.39 2.26
CA LYS A 94 -5.89 12.83 3.58
C LYS A 94 -4.98 12.20 4.64
N LEU A 95 -4.43 11.04 4.29
CA LEU A 95 -3.55 10.34 5.20
C LEU A 95 -2.12 10.88 5.07
N ASN A 96 -2.02 12.00 4.36
CA ASN A 96 -0.74 12.64 4.16
C ASN A 96 0.29 11.58 3.74
N GLU A 97 -0.19 10.59 2.99
CA GLU A 97 0.67 9.52 2.52
C GLU A 97 0.88 9.63 1.02
N CYS A 98 0.50 10.78 0.48
CA CYS A 98 0.66 11.03 -0.94
C CYS A 98 0.19 12.46 -1.23
N PRO A 99 1.18 13.40 -1.27
CA PRO A 99 0.88 14.79 -1.54
C PRO A 99 0.56 15.01 -3.02
N ARG A 19 7.17 15.73 2.95
CA ARG A 19 6.50 14.50 3.36
C ARG A 19 5.80 13.85 2.17
N SER A 20 6.57 13.13 1.38
CA SER A 20 6.03 12.47 0.21
C SER A 20 7.15 11.73 -0.53
N ALA A 21 6.88 10.46 -0.83
CA ALA A 21 7.85 9.64 -1.53
C ALA A 21 7.22 8.27 -1.84
N LEU A 22 8.09 7.28 -1.96
CA LEU A 22 7.64 5.93 -2.24
C LEU A 22 6.38 5.63 -1.43
N SER A 23 6.39 6.11 -0.20
CA SER A 23 5.25 5.91 0.69
C SER A 23 3.95 6.07 -0.08
N CYS A 24 3.80 7.23 -0.69
CA CYS A 24 2.60 7.51 -1.47
C CYS A 24 2.38 6.37 -2.46
N GLN A 25 3.31 6.26 -3.41
CA GLN A 25 3.23 5.21 -4.41
C GLN A 25 2.83 3.89 -3.78
N MET A 26 3.60 3.49 -2.78
CA MET A 26 3.33 2.24 -2.07
C MET A 26 1.86 2.16 -1.65
N CYS A 27 1.27 3.33 -1.46
CA CYS A 27 -0.12 3.40 -1.05
C CYS A 27 -0.99 2.88 -2.20
N GLU A 28 -0.52 3.13 -3.41
CA GLU A 28 -1.24 2.69 -4.59
C GLU A 28 -0.98 1.21 -4.85
N LEU A 29 -0.04 0.66 -4.09
CA LEU A 29 0.30 -0.75 -4.23
C LEU A 29 -0.58 -1.57 -3.30
N VAL A 30 -0.74 -1.08 -2.07
CA VAL A 30 -1.56 -1.76 -1.09
C VAL A 30 -3.03 -1.73 -1.53
N VAL A 31 -3.49 -0.52 -1.84
CA VAL A 31 -4.86 -0.34 -2.28
C VAL A 31 -5.11 -1.17 -3.54
N LYS A 32 -4.31 -0.90 -4.55
CA LYS A 32 -4.42 -1.61 -5.81
C LYS A 32 -4.56 -3.11 -5.54
N LYS A 33 -3.93 -3.54 -4.45
CA LYS A 33 -3.97 -4.94 -4.06
C LYS A 33 -5.28 -5.21 -3.30
N TYR A 34 -5.67 -4.25 -2.50
CA TYR A 34 -6.89 -4.37 -1.71
C TYR A 34 -8.13 -4.23 -2.61
N GLU A 35 -8.30 -3.04 -3.15
CA GLU A 35 -9.43 -2.77 -4.01
C GLU A 35 -9.62 -3.91 -5.02
N GLY A 36 -8.50 -4.37 -5.56
CA GLY A 36 -8.52 -5.45 -6.54
C GLY A 36 -7.81 -6.69 -5.98
N SER A 37 -8.21 -7.09 -4.79
CA SER A 37 -7.62 -8.25 -4.15
C SER A 37 -8.39 -9.51 -4.56
N ALA A 38 -9.70 -9.43 -4.44
CA ALA A 38 -10.56 -10.55 -4.79
C ALA A 38 -10.70 -11.48 -3.58
N ASP A 39 -11.21 -10.90 -2.49
CA ASP A 39 -11.40 -11.65 -1.27
C ASP A 39 -11.56 -10.67 -0.10
N LYS A 40 -10.99 -9.50 -0.27
CA LYS A 40 -11.06 -8.47 0.76
C LYS A 40 -10.29 -8.94 1.99
N ASP A 41 -9.07 -9.43 1.75
CA ASP A 41 -8.23 -9.91 2.83
C ASP A 41 -7.02 -9.00 2.98
N ALA A 42 -6.99 -8.27 4.08
CA ALA A 42 -5.90 -7.35 4.35
C ALA A 42 -4.60 -8.15 4.56
N ASN A 43 -4.76 -9.47 4.61
CA ASN A 43 -3.62 -10.35 4.80
C ASN A 43 -2.98 -10.64 3.44
N VAL A 44 -3.80 -11.16 2.54
CA VAL A 44 -3.32 -11.49 1.21
C VAL A 44 -3.11 -10.20 0.41
N ILE A 45 -3.52 -9.09 1.02
CA ILE A 45 -3.38 -7.80 0.38
C ILE A 45 -2.00 -7.22 0.70
N LYS A 46 -1.87 -6.72 1.92
CA LYS A 46 -0.61 -6.15 2.37
C LYS A 46 0.54 -7.02 1.89
N LYS A 47 0.32 -8.33 1.94
CA LYS A 47 1.33 -9.28 1.52
C LYS A 47 1.58 -9.12 0.02
N ASP A 48 0.49 -9.04 -0.73
CA ASP A 48 0.59 -8.88 -2.17
C ASP A 48 1.52 -7.71 -2.49
N PHE A 49 1.24 -6.58 -1.87
CA PHE A 49 2.04 -5.39 -2.08
C PHE A 49 3.55 -5.73 -2.05
N ASP A 50 3.94 -6.40 -0.99
CA ASP A 50 5.33 -6.80 -0.82
C ASP A 50 5.74 -7.70 -1.99
N ALA A 51 4.78 -8.45 -2.48
CA ALA A 51 5.03 -9.36 -3.59
C ALA A 51 5.43 -8.54 -4.83
N GLU A 52 4.46 -7.80 -5.36
CA GLU A 52 4.71 -6.98 -6.53
C GLU A 52 6.00 -6.17 -6.35
N CYS A 53 6.00 -5.35 -5.31
CA CYS A 53 7.16 -4.52 -5.02
C CYS A 53 8.41 -5.38 -5.14
N LYS A 54 8.42 -6.47 -4.37
CA LYS A 54 9.55 -7.37 -4.37
C LYS A 54 10.05 -7.55 -5.82
N LYS A 55 9.12 -7.41 -6.75
CA LYS A 55 9.46 -7.55 -8.16
C LYS A 55 9.64 -6.16 -8.78
N LEU A 56 8.60 -5.34 -8.62
CA LEU A 56 8.63 -3.99 -9.15
C LEU A 56 9.95 -3.32 -8.75
N PHE A 57 10.30 -3.50 -7.49
CA PHE A 57 11.53 -2.91 -6.96
C PHE A 57 12.50 -4.00 -6.52
N HIS A 58 12.67 -4.99 -7.38
CA HIS A 58 13.57 -6.09 -7.09
C HIS A 58 15.02 -5.59 -7.08
N THR A 59 15.28 -4.61 -7.94
CA THR A 59 16.61 -4.03 -8.03
C THR A 59 16.85 -3.05 -6.87
N ILE A 60 15.84 -2.23 -6.63
CA ILE A 60 15.93 -1.24 -5.56
C ILE A 60 16.39 -1.93 -4.28
N PRO A 61 17.24 -1.21 -3.50
CA PRO A 61 17.75 -1.74 -2.25
C PRO A 61 16.69 -1.71 -1.16
N PHE A 62 16.71 -0.65 -0.37
CA PHE A 62 15.75 -0.48 0.71
C PHE A 62 14.32 -0.69 0.20
N GLY A 63 14.14 -0.43 -1.08
CA GLY A 63 12.82 -0.58 -1.70
C GLY A 63 12.07 -1.76 -1.07
N THR A 64 12.64 -2.95 -1.24
CA THR A 64 12.03 -4.15 -0.71
C THR A 64 11.86 -4.03 0.81
N ARG A 65 12.85 -3.44 1.44
CA ARG A 65 12.84 -3.26 2.89
C ARG A 65 11.68 -2.33 3.29
N GLU A 66 11.73 -1.12 2.75
CA GLU A 66 10.70 -0.13 3.03
C GLU A 66 9.31 -0.69 2.70
N CYS A 67 9.25 -1.42 1.60
CA CYS A 67 8.01 -2.02 1.16
C CYS A 67 7.56 -3.01 2.22
N ASP A 68 8.51 -3.78 2.73
CA ASP A 68 8.22 -4.77 3.74
C ASP A 68 7.94 -4.08 5.08
N HIS A 69 8.13 -2.76 5.07
CA HIS A 69 7.89 -1.96 6.25
C HIS A 69 6.69 -1.05 6.04
N TYR A 70 6.09 -1.18 4.86
CA TYR A 70 4.93 -0.38 4.51
C TYR A 70 3.64 -1.19 4.67
N VAL A 71 3.71 -2.44 4.25
CA VAL A 71 2.56 -3.33 4.33
C VAL A 71 2.08 -3.40 5.79
N ASN A 72 2.96 -2.98 6.69
CA ASN A 72 2.64 -2.99 8.11
C ASN A 72 3.11 -1.67 8.74
N SER A 73 2.48 -0.59 8.30
CA SER A 73 2.82 0.73 8.81
C SER A 73 1.88 1.78 8.23
N LYS A 74 1.57 1.61 6.95
CA LYS A 74 0.68 2.54 6.26
C LYS A 74 -0.42 1.74 5.55
N VAL A 75 -0.47 0.45 5.86
CA VAL A 75 -1.45 -0.42 5.26
C VAL A 75 -2.66 -0.54 6.19
N ASP A 76 -2.37 -0.78 7.46
CA ASP A 76 -3.42 -0.90 8.46
C ASP A 76 -4.38 0.29 8.34
N PRO A 77 -3.78 1.50 8.20
CA PRO A 77 -4.56 2.71 8.08
C PRO A 77 -5.20 2.83 6.69
N ILE A 78 -4.33 2.80 5.68
CA ILE A 78 -4.79 2.89 4.30
C ILE A 78 -5.99 1.98 4.11
N ILE A 79 -5.77 0.69 4.34
CA ILE A 79 -6.82 -0.30 4.20
C ILE A 79 -8.02 0.11 5.08
N HIS A 80 -7.72 0.90 6.10
CA HIS A 80 -8.75 1.35 7.01
C HIS A 80 -9.69 2.33 6.29
N GLU A 81 -9.15 2.96 5.26
CA GLU A 81 -9.91 3.91 4.47
C GLU A 81 -10.87 3.18 3.54
N LEU A 82 -10.31 2.24 2.78
CA LEU A 82 -11.10 1.46 1.85
C LEU A 82 -12.12 0.62 2.62
N GLU A 83 -11.74 0.28 3.85
CA GLU A 83 -12.61 -0.52 4.69
C GLU A 83 -13.87 0.26 5.05
N GLY A 84 -13.66 1.49 5.48
CA GLY A 84 -14.77 2.35 5.86
C GLY A 84 -15.64 2.69 4.65
N GLY A 85 -15.01 3.25 3.63
CA GLY A 85 -15.71 3.61 2.42
C GLY A 85 -14.97 4.72 1.67
N THR A 86 -13.66 4.55 1.59
CA THR A 86 -12.81 5.52 0.90
C THR A 86 -12.16 4.88 -0.32
N ALA A 87 -12.19 5.63 -1.42
CA ALA A 87 -11.60 5.15 -2.66
C ALA A 87 -10.08 5.01 -2.49
N PRO A 88 -9.44 4.38 -3.50
CA PRO A 88 -7.99 4.19 -3.48
C PRO A 88 -7.26 5.49 -3.77
N LYS A 89 -7.97 6.41 -4.39
CA LYS A 89 -7.40 7.70 -4.74
C LYS A 89 -7.74 8.71 -3.64
N ASP A 90 -8.59 8.28 -2.72
CA ASP A 90 -9.00 9.13 -1.62
C ASP A 90 -8.17 8.80 -0.38
N VAL A 91 -7.89 7.51 -0.22
CA VAL A 91 -7.11 7.04 0.91
C VAL A 91 -5.83 7.88 1.02
N CYS A 92 -5.10 7.93 -0.09
CA CYS A 92 -3.86 8.69 -0.13
C CYS A 92 -4.20 10.15 -0.38
N THR A 93 -5.06 10.68 0.48
CA THR A 93 -5.48 12.07 0.36
C THR A 93 -5.70 12.68 1.75
N LYS A 94 -6.58 12.04 2.50
CA LYS A 94 -6.88 12.51 3.85
C LYS A 94 -5.83 11.99 4.82
N LEU A 95 -5.22 10.88 4.44
CA LEU A 95 -4.19 10.27 5.28
C LEU A 95 -2.88 11.05 5.11
N ASN A 96 -2.95 12.10 4.30
CA ASN A 96 -1.79 12.93 4.04
C ASN A 96 -0.65 12.05 3.53
N GLU A 97 -1.00 10.86 3.09
CA GLU A 97 -0.02 9.93 2.57
C GLU A 97 -0.02 9.95 1.05
N CYS A 98 0.21 11.13 0.50
CA CYS A 98 0.23 11.31 -0.94
C CYS A 98 0.17 12.81 -1.24
N PRO A 99 0.78 13.18 -2.40
CA PRO A 99 0.80 14.58 -2.82
C PRO A 99 -0.56 15.00 -3.36
N ARG A 19 9.35 10.45 3.15
CA ARG A 19 8.01 10.30 2.62
C ARG A 19 7.75 11.35 1.55
N SER A 20 6.54 11.30 1.00
CA SER A 20 6.14 12.24 -0.03
C SER A 20 6.72 11.81 -1.37
N ALA A 21 6.51 10.55 -1.70
CA ALA A 21 7.01 10.00 -2.96
C ALA A 21 6.59 8.53 -3.07
N LEU A 22 7.38 7.68 -2.45
CA LEU A 22 7.12 6.25 -2.47
C LEU A 22 5.93 5.94 -1.55
N SER A 23 5.90 6.66 -0.43
CA SER A 23 4.84 6.47 0.55
C SER A 23 3.48 6.56 -0.15
N CYS A 24 3.38 7.49 -1.09
CA CYS A 24 2.14 7.69 -1.83
C CYS A 24 1.95 6.49 -2.75
N GLN A 25 2.93 6.28 -3.63
CA GLN A 25 2.87 5.18 -4.57
C GLN A 25 2.56 3.87 -3.84
N MET A 26 3.39 3.58 -2.85
CA MET A 26 3.21 2.36 -2.07
C MET A 26 1.76 2.20 -1.62
N CYS A 27 1.18 3.30 -1.18
CA CYS A 27 -0.20 3.29 -0.73
C CYS A 27 -1.08 2.82 -1.90
N GLU A 28 -0.63 3.13 -3.09
CA GLU A 28 -1.37 2.74 -4.28
C GLU A 28 -1.10 1.27 -4.62
N LEU A 29 -0.16 0.69 -3.90
CA LEU A 29 0.20 -0.70 -4.10
C LEU A 29 -0.63 -1.58 -3.17
N VAL A 30 -0.81 -1.09 -1.95
CA VAL A 30 -1.59 -1.82 -0.96
C VAL A 30 -3.07 -1.74 -1.32
N VAL A 31 -3.51 -0.53 -1.63
CA VAL A 31 -4.89 -0.31 -2.00
C VAL A 31 -5.23 -1.11 -3.25
N LYS A 32 -4.50 -0.81 -4.32
CA LYS A 32 -4.69 -1.48 -5.59
C LYS A 32 -4.82 -3.00 -5.33
N LYS A 33 -4.12 -3.45 -4.32
CA LYS A 33 -4.14 -4.86 -3.96
C LYS A 33 -5.43 -5.16 -3.20
N TYR A 34 -5.80 -4.24 -2.32
CA TYR A 34 -7.01 -4.40 -1.54
C TYR A 34 -8.25 -4.07 -2.36
N GLU A 35 -8.42 -2.79 -2.64
CA GLU A 35 -9.57 -2.33 -3.42
C GLU A 35 -9.83 -3.30 -4.58
N GLY A 36 -8.75 -3.82 -5.14
CA GLY A 36 -8.86 -4.75 -6.25
C GLY A 36 -8.26 -6.12 -5.88
N SER A 37 -8.63 -6.59 -4.70
CA SER A 37 -8.15 -7.87 -4.22
C SER A 37 -9.14 -8.97 -4.59
N ALA A 38 -10.40 -8.75 -4.23
CA ALA A 38 -11.44 -9.70 -4.51
C ALA A 38 -11.37 -10.84 -3.49
N ASP A 39 -10.42 -10.72 -2.59
CA ASP A 39 -10.25 -11.73 -1.55
C ASP A 39 -10.62 -11.13 -0.19
N LYS A 40 -10.78 -9.81 -0.19
CA LYS A 40 -11.13 -9.11 1.04
C LYS A 40 -10.27 -9.63 2.19
N ASP A 41 -8.98 -9.66 1.94
CA ASP A 41 -8.03 -10.13 2.94
C ASP A 41 -6.84 -9.18 3.01
N ALA A 42 -6.79 -8.41 4.09
CA ALA A 42 -5.71 -7.46 4.29
C ALA A 42 -4.38 -8.22 4.41
N ASN A 43 -4.49 -9.53 4.55
CA ASN A 43 -3.32 -10.37 4.68
C ASN A 43 -2.73 -10.64 3.29
N VAL A 44 -3.60 -11.05 2.39
CA VAL A 44 -3.18 -11.35 1.01
C VAL A 44 -2.99 -10.03 0.26
N ILE A 45 -3.38 -8.94 0.91
CA ILE A 45 -3.26 -7.62 0.31
C ILE A 45 -1.89 -7.05 0.66
N LYS A 46 -1.69 -6.80 1.95
CA LYS A 46 -0.43 -6.23 2.42
C LYS A 46 0.72 -7.08 1.87
N LYS A 47 0.51 -8.38 1.88
CA LYS A 47 1.53 -9.31 1.39
C LYS A 47 1.74 -9.08 -0.11
N ASP A 48 0.63 -9.01 -0.83
CA ASP A 48 0.68 -8.80 -2.26
C ASP A 48 1.61 -7.61 -2.57
N PHE A 49 1.33 -6.50 -1.90
CA PHE A 49 2.12 -5.30 -2.09
C PHE A 49 3.62 -5.63 -2.09
N ASP A 50 4.06 -6.26 -1.01
CA ASP A 50 5.46 -6.63 -0.89
C ASP A 50 5.84 -7.57 -2.03
N ALA A 51 4.83 -8.22 -2.57
CA ALA A 51 5.04 -9.16 -3.67
C ALA A 51 5.42 -8.36 -4.94
N GLU A 52 4.47 -7.55 -5.39
CA GLU A 52 4.68 -6.74 -6.57
C GLU A 52 5.94 -5.88 -6.41
N CYS A 53 6.02 -5.23 -5.25
CA CYS A 53 7.16 -4.38 -4.96
C CYS A 53 8.43 -5.22 -5.05
N LYS A 54 8.40 -6.37 -4.40
CA LYS A 54 9.53 -7.28 -4.40
C LYS A 54 10.15 -7.30 -5.81
N LYS A 55 9.28 -7.26 -6.80
CA LYS A 55 9.73 -7.27 -8.19
C LYS A 55 9.86 -5.85 -8.70
N LEU A 56 8.76 -5.10 -8.57
CA LEU A 56 8.74 -3.72 -9.01
C LEU A 56 10.01 -3.02 -8.54
N PHE A 57 10.32 -3.22 -7.27
CA PHE A 57 11.50 -2.61 -6.68
C PHE A 57 12.49 -3.67 -6.20
N HIS A 58 12.66 -4.70 -7.04
CA HIS A 58 13.57 -5.78 -6.71
C HIS A 58 15.01 -5.27 -6.73
N THR A 59 15.21 -4.18 -7.46
CA THR A 59 16.53 -3.57 -7.56
C THR A 59 16.72 -2.52 -6.46
N ILE A 60 15.70 -1.71 -6.29
CA ILE A 60 15.75 -0.65 -5.28
C ILE A 60 16.45 -1.18 -4.03
N PRO A 61 17.25 -0.29 -3.40
CA PRO A 61 17.98 -0.66 -2.20
C PRO A 61 17.05 -0.72 -0.99
N PHE A 62 16.30 0.36 -0.81
CA PHE A 62 15.36 0.44 0.30
C PHE A 62 13.91 0.33 -0.20
N GLY A 63 13.75 -0.47 -1.24
CA GLY A 63 12.43 -0.67 -1.81
C GLY A 63 11.73 -1.88 -1.18
N THR A 64 12.44 -3.00 -1.20
CA THR A 64 11.91 -4.22 -0.63
C THR A 64 11.88 -4.14 0.90
N ARG A 65 12.86 -3.42 1.43
CA ARG A 65 12.97 -3.25 2.87
C ARG A 65 11.82 -2.38 3.39
N GLU A 66 11.74 -1.18 2.85
CA GLU A 66 10.70 -0.25 3.25
C GLU A 66 9.32 -0.82 2.92
N CYS A 67 9.28 -1.61 1.84
CA CYS A 67 8.05 -2.22 1.40
C CYS A 67 7.58 -3.20 2.49
N ASP A 68 8.49 -4.08 2.87
CA ASP A 68 8.20 -5.07 3.89
C ASP A 68 7.88 -4.36 5.21
N HIS A 69 8.21 -3.08 5.25
CA HIS A 69 7.97 -2.29 6.44
C HIS A 69 6.77 -1.37 6.20
N TYR A 70 6.19 -1.49 5.02
CA TYR A 70 5.04 -0.69 4.65
C TYR A 70 3.75 -1.50 4.73
N VAL A 71 3.84 -2.74 4.27
CA VAL A 71 2.69 -3.63 4.28
C VAL A 71 2.17 -3.76 5.70
N ASN A 72 3.01 -3.38 6.65
CA ASN A 72 2.65 -3.45 8.05
C ASN A 72 3.11 -2.18 8.76
N SER A 73 2.46 -1.07 8.42
CA SER A 73 2.82 0.21 9.01
C SER A 73 1.92 1.31 8.43
N LYS A 74 1.60 1.15 7.15
CA LYS A 74 0.76 2.13 6.47
C LYS A 74 -0.34 1.39 5.71
N VAL A 75 -0.44 0.09 5.98
CA VAL A 75 -1.43 -0.73 5.32
C VAL A 75 -2.66 -0.86 6.23
N ASP A 76 -2.39 -1.10 7.50
CA ASP A 76 -3.45 -1.25 8.48
C ASP A 76 -4.39 -0.04 8.40
N PRO A 77 -3.76 1.17 8.32
CA PRO A 77 -4.51 2.40 8.24
C PRO A 77 -5.12 2.59 6.84
N ILE A 78 -4.26 2.50 5.84
CA ILE A 78 -4.69 2.65 4.46
C ILE A 78 -5.97 1.84 4.24
N ILE A 79 -5.87 0.56 4.56
CA ILE A 79 -7.01 -0.33 4.41
C ILE A 79 -8.18 0.18 5.24
N HIS A 80 -7.84 0.92 6.28
CA HIS A 80 -8.85 1.48 7.17
C HIS A 80 -9.66 2.53 6.43
N GLU A 81 -9.06 3.05 5.36
CA GLU A 81 -9.72 4.06 4.55
C GLU A 81 -10.60 3.40 3.48
N LEU A 82 -10.05 2.37 2.86
CA LEU A 82 -10.77 1.65 1.82
C LEU A 82 -11.98 0.94 2.45
N GLU A 83 -11.74 0.37 3.61
CA GLU A 83 -12.80 -0.34 4.32
C GLU A 83 -13.87 0.65 4.81
N GLY A 84 -13.41 1.84 5.14
CA GLY A 84 -14.31 2.88 5.62
C GLY A 84 -15.24 3.35 4.50
N GLY A 85 -14.64 3.65 3.36
CA GLY A 85 -15.40 4.11 2.21
C GLY A 85 -14.49 4.82 1.20
N THR A 86 -13.38 5.33 1.71
CA THR A 86 -12.42 6.02 0.87
C THR A 86 -12.01 5.15 -0.31
N ALA A 87 -11.68 5.81 -1.42
CA ALA A 87 -11.27 5.10 -2.62
C ALA A 87 -9.77 4.82 -2.56
N PRO A 88 -9.31 3.94 -3.48
CA PRO A 88 -7.90 3.58 -3.53
C PRO A 88 -7.08 4.71 -4.17
N LYS A 89 -7.79 5.77 -4.56
CA LYS A 89 -7.14 6.91 -5.17
C LYS A 89 -7.35 8.14 -4.28
N ASP A 90 -7.96 7.91 -3.13
CA ASP A 90 -8.22 8.99 -2.19
C ASP A 90 -7.42 8.75 -0.91
N VAL A 91 -7.34 7.48 -0.53
CA VAL A 91 -6.61 7.11 0.67
C VAL A 91 -5.31 7.93 0.75
N CYS A 92 -4.51 7.82 -0.31
CA CYS A 92 -3.25 8.54 -0.37
C CYS A 92 -3.55 10.00 -0.73
N THR A 93 -4.15 10.71 0.22
CA THR A 93 -4.49 12.10 0.02
C THR A 93 -5.10 12.70 1.29
N LYS A 94 -6.32 12.29 1.58
CA LYS A 94 -7.01 12.77 2.76
C LYS A 94 -6.47 12.05 3.99
N LEU A 95 -6.24 10.76 3.84
CA LEU A 95 -5.72 9.94 4.92
C LEU A 95 -4.43 10.55 5.43
N ASN A 96 -3.86 11.43 4.61
CA ASN A 96 -2.61 12.09 4.97
C ASN A 96 -1.45 11.12 4.75
N GLU A 97 -1.34 10.63 3.52
CA GLU A 97 -0.29 9.71 3.16
C GLU A 97 0.78 10.41 2.32
N CYS A 98 0.41 10.69 1.08
CA CYS A 98 1.32 11.36 0.15
C CYS A 98 1.77 12.67 0.80
N PRO A 99 0.77 13.43 1.34
CA PRO A 99 1.06 14.70 1.99
C PRO A 99 1.69 14.49 3.37
N ARG A 19 10.62 10.57 2.39
CA ARG A 19 9.24 10.16 2.15
C ARG A 19 8.47 11.28 1.44
N SER A 20 8.15 11.02 0.18
CA SER A 20 7.42 11.99 -0.62
C SER A 20 7.17 11.43 -2.02
N ALA A 21 6.72 10.19 -2.05
CA ALA A 21 6.45 9.52 -3.32
C ALA A 21 6.22 8.04 -3.07
N LEU A 22 7.30 7.33 -2.81
CA LEU A 22 7.22 5.89 -2.55
C LEU A 22 5.97 5.60 -1.71
N SER A 23 5.97 6.17 -0.50
CA SER A 23 4.86 5.97 0.40
C SER A 23 3.53 6.02 -0.37
N CYS A 24 3.33 7.14 -1.06
CA CYS A 24 2.12 7.32 -1.84
C CYS A 24 1.96 6.12 -2.77
N GLN A 25 2.86 6.04 -3.73
CA GLN A 25 2.83 4.95 -4.69
C GLN A 25 2.49 3.63 -4.00
N MET A 26 3.29 3.30 -3.00
CA MET A 26 3.09 2.08 -2.24
C MET A 26 1.61 1.91 -1.87
N CYS A 27 0.94 3.04 -1.73
CA CYS A 27 -0.47 3.03 -1.37
C CYS A 27 -1.26 2.42 -2.54
N GLU A 28 -0.90 2.86 -3.74
CA GLU A 28 -1.56 2.37 -4.94
C GLU A 28 -1.24 0.88 -5.15
N LEU A 29 -0.32 0.39 -4.33
CA LEU A 29 0.09 -1.01 -4.42
C LEU A 29 -0.77 -1.84 -3.47
N VAL A 30 -0.83 -1.39 -2.22
CA VAL A 30 -1.61 -2.08 -1.21
C VAL A 30 -3.09 -2.05 -1.62
N VAL A 31 -3.55 -0.86 -1.98
CA VAL A 31 -4.93 -0.68 -2.38
C VAL A 31 -5.22 -1.59 -3.58
N LYS A 32 -4.45 -1.39 -4.64
CA LYS A 32 -4.62 -2.18 -5.85
C LYS A 32 -4.82 -3.65 -5.48
N LYS A 33 -4.14 -4.05 -4.41
CA LYS A 33 -4.25 -5.43 -3.94
C LYS A 33 -5.55 -5.60 -3.17
N TYR A 34 -5.87 -4.58 -2.37
CA TYR A 34 -7.08 -4.62 -1.58
C TYR A 34 -8.31 -4.32 -2.44
N GLU A 35 -8.43 -3.06 -2.84
CA GLU A 35 -9.55 -2.65 -3.66
C GLU A 35 -9.86 -3.71 -4.72
N GLY A 36 -8.80 -4.32 -5.23
CA GLY A 36 -8.95 -5.36 -6.24
C GLY A 36 -8.35 -6.68 -5.77
N SER A 37 -8.67 -7.04 -4.54
CA SER A 37 -8.17 -8.27 -3.95
C SER A 37 -9.05 -9.44 -4.37
N ALA A 38 -10.35 -9.27 -4.17
CA ALA A 38 -11.31 -10.31 -4.52
C ALA A 38 -11.41 -11.31 -3.38
N ASP A 39 -10.51 -11.16 -2.42
CA ASP A 39 -10.48 -12.05 -1.27
C ASP A 39 -10.81 -11.25 -0.01
N LYS A 40 -10.75 -9.93 -0.15
CA LYS A 40 -11.04 -9.05 0.97
C LYS A 40 -10.26 -9.51 2.20
N ASP A 41 -8.95 -9.38 2.12
CA ASP A 41 -8.08 -9.77 3.22
C ASP A 41 -6.81 -8.91 3.21
N ALA A 42 -6.66 -8.13 4.27
CA ALA A 42 -5.51 -7.26 4.40
C ALA A 42 -4.24 -8.10 4.53
N ASN A 43 -4.44 -9.41 4.67
CA ASN A 43 -3.33 -10.32 4.80
C ASN A 43 -2.79 -10.65 3.42
N VAL A 44 -3.69 -11.01 2.52
CA VAL A 44 -3.31 -11.36 1.16
C VAL A 44 -3.02 -10.07 0.38
N ILE A 45 -3.37 -8.95 1.00
CA ILE A 45 -3.16 -7.66 0.38
C ILE A 45 -1.77 -7.14 0.76
N LYS A 46 -1.60 -6.82 2.03
CA LYS A 46 -0.35 -6.31 2.52
C LYS A 46 0.80 -7.16 1.97
N LYS A 47 0.58 -8.48 2.00
CA LYS A 47 1.57 -9.42 1.51
C LYS A 47 1.76 -9.21 0.01
N ASP A 48 0.65 -9.25 -0.71
CA ASP A 48 0.68 -9.07 -2.15
C ASP A 48 1.57 -7.87 -2.49
N PHE A 49 1.22 -6.74 -1.89
CA PHE A 49 1.96 -5.52 -2.12
C PHE A 49 3.47 -5.78 -2.16
N ASP A 50 3.94 -6.46 -1.11
CA ASP A 50 5.35 -6.79 -1.01
C ASP A 50 5.77 -7.63 -2.22
N ALA A 51 4.86 -8.50 -2.62
CA ALA A 51 5.12 -9.37 -3.77
C ALA A 51 5.49 -8.52 -4.98
N GLU A 52 4.64 -7.52 -5.24
CA GLU A 52 4.87 -6.63 -6.36
C GLU A 52 6.07 -5.72 -6.08
N CYS A 53 5.91 -4.89 -5.06
CA CYS A 53 6.97 -3.97 -4.67
C CYS A 53 8.31 -4.69 -4.82
N LYS A 54 8.29 -5.98 -4.55
CA LYS A 54 9.49 -6.79 -4.64
C LYS A 54 10.03 -6.73 -6.08
N LYS A 55 9.38 -7.48 -6.95
CA LYS A 55 9.78 -7.53 -8.34
C LYS A 55 9.75 -6.11 -8.92
N LEU A 56 8.90 -5.29 -8.33
CA LEU A 56 8.76 -3.91 -8.77
C LEU A 56 10.05 -3.15 -8.48
N PHE A 57 10.45 -3.17 -7.21
CA PHE A 57 11.65 -2.50 -6.78
C PHE A 57 12.66 -3.49 -6.19
N HIS A 58 12.90 -4.56 -6.94
CA HIS A 58 13.83 -5.58 -6.49
C HIS A 58 15.24 -5.00 -6.43
N THR A 59 15.58 -4.24 -7.46
CA THR A 59 16.90 -3.63 -7.53
C THR A 59 17.06 -2.58 -6.42
N ILE A 60 15.96 -1.88 -6.16
CA ILE A 60 15.97 -0.86 -5.12
C ILE A 60 16.56 -1.43 -3.83
N PRO A 61 17.37 -0.59 -3.14
CA PRO A 61 17.99 -1.01 -1.89
C PRO A 61 16.97 -1.04 -0.75
N PHE A 62 16.80 0.12 -0.12
CA PHE A 62 15.86 0.24 0.98
C PHE A 62 14.42 0.13 0.49
N GLY A 63 14.28 -0.03 -0.82
CA GLY A 63 12.96 -0.15 -1.42
C GLY A 63 12.17 -1.29 -0.79
N THR A 64 12.70 -2.50 -0.93
CA THR A 64 12.04 -3.68 -0.38
C THR A 64 11.92 -3.55 1.15
N ARG A 65 12.90 -2.87 1.72
CA ARG A 65 12.92 -2.67 3.17
C ARG A 65 11.68 -1.89 3.61
N GLU A 66 11.46 -0.76 2.96
CA GLU A 66 10.33 0.08 3.27
C GLU A 66 9.03 -0.60 2.83
N CYS A 67 9.10 -1.29 1.71
CA CYS A 67 7.95 -1.99 1.18
C CYS A 67 7.46 -2.99 2.24
N ASP A 68 8.42 -3.72 2.80
CA ASP A 68 8.10 -4.71 3.82
C ASP A 68 7.71 -3.99 5.11
N HIS A 69 8.07 -2.73 5.17
CA HIS A 69 7.77 -1.91 6.34
C HIS A 69 6.53 -1.05 6.06
N TYR A 70 5.91 -1.32 4.92
CA TYR A 70 4.73 -0.58 4.53
C TYR A 70 3.47 -1.44 4.64
N VAL A 71 3.64 -2.72 4.36
CA VAL A 71 2.53 -3.66 4.43
C VAL A 71 2.07 -3.80 5.88
N ASN A 72 2.88 -3.24 6.77
CA ASN A 72 2.56 -3.29 8.20
C ASN A 72 2.96 -1.95 8.84
N SER A 73 2.28 -0.91 8.40
CA SER A 73 2.54 0.43 8.92
C SER A 73 1.57 1.43 8.31
N LYS A 74 1.29 1.23 7.02
CA LYS A 74 0.39 2.11 6.31
C LYS A 74 -0.60 1.26 5.49
N VAL A 75 -0.68 0.00 5.85
CA VAL A 75 -1.57 -0.93 5.17
C VAL A 75 -2.85 -1.10 5.99
N ASP A 76 -2.72 -0.84 7.28
CA ASP A 76 -3.86 -0.97 8.19
C ASP A 76 -4.75 0.27 8.04
N PRO A 77 -4.09 1.46 7.97
CA PRO A 77 -4.81 2.71 7.83
C PRO A 77 -5.34 2.89 6.41
N ILE A 78 -4.44 2.72 5.46
CA ILE A 78 -4.80 2.86 4.05
C ILE A 78 -6.06 2.02 3.77
N ILE A 79 -6.04 0.81 4.31
CA ILE A 79 -7.17 -0.10 4.12
C ILE A 79 -8.35 0.39 4.96
N HIS A 80 -8.04 1.20 5.96
CA HIS A 80 -9.07 1.74 6.84
C HIS A 80 -9.89 2.78 6.08
N GLU A 81 -9.30 3.31 5.02
CA GLU A 81 -9.97 4.31 4.21
C GLU A 81 -10.87 3.64 3.17
N LEU A 82 -10.31 2.65 2.49
CA LEU A 82 -11.05 1.92 1.48
C LEU A 82 -12.18 1.14 2.15
N GLU A 83 -11.89 0.65 3.34
CA GLU A 83 -12.87 -0.11 4.09
C GLU A 83 -13.94 0.81 4.68
N GLY A 84 -13.52 2.04 4.95
CA GLY A 84 -14.42 3.04 5.52
C GLY A 84 -15.35 3.60 4.44
N GLY A 85 -14.78 3.91 3.29
CA GLY A 85 -15.55 4.45 2.18
C GLY A 85 -14.66 5.30 1.27
N THR A 86 -13.55 5.75 1.83
CA THR A 86 -12.62 6.57 1.07
C THR A 86 -12.11 5.81 -0.16
N ALA A 87 -11.86 6.56 -1.22
CA ALA A 87 -11.38 5.97 -2.46
C ALA A 87 -9.87 5.69 -2.33
N PRO A 88 -9.35 4.90 -3.31
CA PRO A 88 -7.94 4.55 -3.32
C PRO A 88 -7.08 5.73 -3.75
N LYS A 89 -7.75 6.79 -4.17
CA LYS A 89 -7.06 7.99 -4.61
C LYS A 89 -7.26 9.10 -3.57
N ASP A 90 -8.02 8.77 -2.54
CA ASP A 90 -8.29 9.73 -1.48
C ASP A 90 -7.44 9.38 -0.26
N VAL A 91 -7.21 8.08 -0.10
CA VAL A 91 -6.41 7.61 1.03
C VAL A 91 -5.04 8.28 0.99
N CYS A 92 -4.43 8.27 -0.19
CA CYS A 92 -3.12 8.87 -0.37
C CYS A 92 -3.29 10.39 -0.37
N THR A 93 -3.82 10.90 0.74
CA THR A 93 -4.03 12.33 0.87
C THR A 93 -4.80 12.63 2.17
N LYS A 94 -5.67 11.70 2.54
CA LYS A 94 -6.46 11.85 3.74
C LYS A 94 -5.56 11.70 4.96
N LEU A 95 -4.73 10.67 4.92
CA LEU A 95 -3.81 10.40 6.01
C LEU A 95 -2.50 11.16 5.77
N ASN A 96 -2.60 12.20 4.97
CA ASN A 96 -1.44 13.02 4.66
C ASN A 96 -0.33 12.13 4.11
N GLU A 97 -0.73 10.95 3.65
CA GLU A 97 0.21 9.99 3.10
C GLU A 97 0.99 10.63 1.94
N CYS A 98 0.30 10.79 0.83
CA CYS A 98 0.91 11.39 -0.35
C CYS A 98 1.77 12.57 0.09
N PRO A 99 2.68 13.00 -0.82
CA PRO A 99 3.56 14.13 -0.54
C PRO A 99 2.80 15.45 -0.60
N ARG A 19 8.28 13.31 2.11
CA ARG A 19 7.61 12.04 2.34
C ARG A 19 7.02 11.52 1.03
N SER A 20 6.65 12.45 0.17
CA SER A 20 6.06 12.10 -1.12
C SER A 20 7.13 11.47 -2.01
N ALA A 21 7.05 10.16 -2.15
CA ALA A 21 8.00 9.42 -2.96
C ALA A 21 7.44 8.02 -3.26
N LEU A 22 8.32 7.04 -3.23
CA LEU A 22 7.93 5.67 -3.49
C LEU A 22 6.94 5.21 -2.41
N SER A 23 6.86 6.01 -1.35
CA SER A 23 5.95 5.69 -0.26
C SER A 23 4.50 5.80 -0.73
N CYS A 24 4.21 6.91 -1.39
CA CYS A 24 2.87 7.15 -1.89
C CYS A 24 2.48 5.99 -2.82
N GLN A 25 3.30 5.82 -3.85
CA GLN A 25 3.05 4.75 -4.82
C GLN A 25 2.69 3.45 -4.09
N MET A 26 3.53 3.09 -3.14
CA MET A 26 3.32 1.88 -2.37
C MET A 26 1.87 1.80 -1.88
N CYS A 27 1.31 2.96 -1.58
CA CYS A 27 -0.06 3.04 -1.09
C CYS A 27 -0.99 2.53 -2.20
N GLU A 28 -0.63 2.86 -3.43
CA GLU A 28 -1.42 2.45 -4.57
C GLU A 28 -1.19 0.97 -4.86
N LEU A 29 -0.26 0.38 -4.12
CA LEU A 29 0.07 -1.02 -4.30
C LEU A 29 -0.76 -1.85 -3.32
N VAL A 30 -0.91 -1.31 -2.11
CA VAL A 30 -1.67 -1.99 -1.08
C VAL A 30 -3.17 -1.89 -1.40
N VAL A 31 -3.58 -0.67 -1.73
CA VAL A 31 -4.98 -0.43 -2.07
C VAL A 31 -5.34 -1.21 -3.34
N LYS A 32 -4.62 -0.90 -4.40
CA LYS A 32 -4.86 -1.56 -5.68
C LYS A 32 -5.02 -3.07 -5.44
N LYS A 33 -4.26 -3.57 -4.49
CA LYS A 33 -4.31 -4.98 -4.16
C LYS A 33 -5.56 -5.26 -3.32
N TYR A 34 -5.87 -4.32 -2.44
CA TYR A 34 -7.02 -4.45 -1.58
C TYR A 34 -8.31 -4.14 -2.35
N GLU A 35 -8.51 -2.86 -2.63
CA GLU A 35 -9.69 -2.43 -3.35
C GLU A 35 -10.00 -3.39 -4.50
N GLY A 36 -8.94 -3.97 -5.03
CA GLY A 36 -9.08 -4.92 -6.13
C GLY A 36 -8.52 -6.29 -5.76
N SER A 37 -8.79 -6.68 -4.52
CA SER A 37 -8.33 -7.96 -4.02
C SER A 37 -9.23 -9.09 -4.54
N ALA A 38 -10.52 -8.94 -4.29
CA ALA A 38 -11.48 -9.92 -4.74
C ALA A 38 -11.54 -11.07 -3.72
N ASP A 39 -10.64 -11.01 -2.76
CA ASP A 39 -10.56 -12.03 -1.72
C ASP A 39 -10.95 -11.41 -0.38
N LYS A 40 -10.86 -10.09 -0.33
CA LYS A 40 -11.19 -9.36 0.89
C LYS A 40 -10.37 -9.92 2.04
N ASP A 41 -9.06 -9.78 1.93
CA ASP A 41 -8.15 -10.26 2.96
C ASP A 41 -6.94 -9.34 3.03
N ALA A 42 -6.88 -8.56 4.09
CA ALA A 42 -5.79 -7.63 4.29
C ALA A 42 -4.48 -8.42 4.41
N ASN A 43 -4.62 -9.73 4.61
CA ASN A 43 -3.48 -10.59 4.74
C ASN A 43 -2.90 -10.90 3.35
N VAL A 44 -3.81 -11.07 2.41
CA VAL A 44 -3.42 -11.37 1.04
C VAL A 44 -3.17 -10.07 0.29
N ILE A 45 -3.51 -8.97 0.94
CA ILE A 45 -3.33 -7.65 0.36
C ILE A 45 -1.95 -7.11 0.75
N LYS A 46 -1.76 -6.96 2.06
CA LYS A 46 -0.50 -6.46 2.58
C LYS A 46 0.65 -7.29 2.01
N LYS A 47 0.45 -8.60 2.03
CA LYS A 47 1.47 -9.52 1.53
C LYS A 47 1.61 -9.33 0.02
N ASP A 48 0.47 -9.30 -0.65
CA ASP A 48 0.46 -9.13 -2.10
C ASP A 48 1.35 -7.95 -2.47
N PHE A 49 1.08 -6.82 -1.83
CA PHE A 49 1.84 -5.61 -2.10
C PHE A 49 3.33 -5.92 -2.18
N ASP A 50 3.85 -6.52 -1.11
CA ASP A 50 5.26 -6.87 -1.05
C ASP A 50 5.64 -7.60 -2.34
N ALA A 51 4.73 -8.43 -2.82
CA ALA A 51 4.97 -9.19 -4.03
C ALA A 51 5.44 -8.25 -5.13
N GLU A 52 4.63 -7.25 -5.41
CA GLU A 52 4.96 -6.28 -6.43
C GLU A 52 6.11 -5.38 -5.96
N CYS A 53 5.89 -4.74 -4.82
CA CYS A 53 6.89 -3.85 -4.26
C CYS A 53 8.27 -4.48 -4.47
N LYS A 54 8.28 -5.81 -4.48
CA LYS A 54 9.52 -6.54 -4.69
C LYS A 54 10.00 -6.34 -6.12
N LYS A 55 9.37 -7.06 -7.03
CA LYS A 55 9.72 -6.96 -8.44
C LYS A 55 9.56 -5.51 -8.90
N LEU A 56 8.84 -4.74 -8.10
CA LEU A 56 8.61 -3.34 -8.42
C LEU A 56 9.86 -2.53 -8.08
N PHE A 57 10.05 -2.32 -6.78
CA PHE A 57 11.20 -1.56 -6.31
C PHE A 57 12.37 -2.49 -5.96
N HIS A 58 12.44 -3.60 -6.70
CA HIS A 58 13.49 -4.57 -6.49
C HIS A 58 14.84 -3.86 -6.44
N THR A 59 15.15 -3.19 -7.54
CA THR A 59 16.41 -2.46 -7.64
C THR A 59 16.26 -1.04 -7.08
N ILE A 60 16.14 -0.98 -5.76
CA ILE A 60 15.99 0.30 -5.09
C ILE A 60 16.62 0.22 -3.70
N PRO A 61 17.28 1.33 -3.30
CA PRO A 61 17.93 1.39 -1.99
C PRO A 61 16.90 1.56 -0.87
N PHE A 62 16.78 0.52 -0.06
CA PHE A 62 15.84 0.54 1.05
C PHE A 62 14.40 0.36 0.54
N GLY A 63 14.28 0.22 -0.77
CA GLY A 63 12.97 0.04 -1.38
C GLY A 63 12.25 -1.17 -0.79
N THR A 64 12.85 -2.34 -1.01
CA THR A 64 12.27 -3.57 -0.51
C THR A 64 12.18 -3.54 1.01
N ARG A 65 13.07 -2.75 1.62
CA ARG A 65 13.09 -2.63 3.06
C ARG A 65 11.84 -1.91 3.56
N GLU A 66 11.49 -0.84 2.86
CA GLU A 66 10.32 -0.06 3.21
C GLU A 66 9.04 -0.83 2.84
N CYS A 67 9.13 -1.56 1.74
CA CYS A 67 8.00 -2.34 1.26
C CYS A 67 7.46 -3.17 2.44
N ASP A 68 8.40 -3.80 3.14
CA ASP A 68 8.03 -4.63 4.28
C ASP A 68 7.70 -3.74 5.47
N HIS A 69 8.26 -2.54 5.44
CA HIS A 69 8.03 -1.59 6.52
C HIS A 69 6.81 -0.72 6.18
N TYR A 70 6.05 -1.19 5.19
CA TYR A 70 4.86 -0.48 4.77
C TYR A 70 3.61 -1.33 4.99
N VAL A 71 3.73 -2.60 4.64
CA VAL A 71 2.62 -3.53 4.79
C VAL A 71 2.52 -3.96 6.26
N ASN A 72 2.45 -2.96 7.13
CA ASN A 72 2.34 -3.22 8.56
C ASN A 72 2.39 -1.89 9.32
N SER A 73 1.71 -0.91 8.76
CA SER A 73 1.65 0.41 9.37
C SER A 73 0.85 1.36 8.49
N LYS A 74 1.04 1.23 7.19
CA LYS A 74 0.34 2.07 6.24
C LYS A 74 -0.65 1.23 5.44
N VAL A 75 -0.65 -0.07 5.75
CA VAL A 75 -1.55 -1.00 5.08
C VAL A 75 -2.77 -1.25 5.96
N ASP A 76 -2.59 -1.03 7.26
CA ASP A 76 -3.66 -1.22 8.22
C ASP A 76 -4.63 -0.05 8.14
N PRO A 77 -4.04 1.18 8.08
CA PRO A 77 -4.84 2.38 8.01
C PRO A 77 -5.44 2.56 6.61
N ILE A 78 -4.56 2.48 5.61
CA ILE A 78 -4.98 2.64 4.24
C ILE A 78 -6.20 1.76 3.98
N ILE A 79 -6.11 0.52 4.42
CA ILE A 79 -7.21 -0.42 4.25
C ILE A 79 -8.39 0.01 5.12
N HIS A 80 -8.08 0.78 6.15
CA HIS A 80 -9.10 1.27 7.06
C HIS A 80 -9.93 2.34 6.36
N GLU A 81 -9.37 2.87 5.28
CA GLU A 81 -10.05 3.90 4.51
C GLU A 81 -11.02 3.27 3.51
N LEU A 82 -10.49 2.33 2.74
CA LEU A 82 -11.30 1.64 1.74
C LEU A 82 -12.39 0.82 2.44
N GLU A 83 -12.01 0.21 3.54
CA GLU A 83 -12.94 -0.60 4.31
C GLU A 83 -14.06 0.28 4.87
N GLY A 84 -13.69 1.48 5.28
CA GLY A 84 -14.64 2.42 5.83
C GLY A 84 -15.61 2.93 4.76
N GLY A 85 -15.03 3.47 3.70
CA GLY A 85 -15.81 4.00 2.60
C GLY A 85 -15.05 5.09 1.86
N THR A 86 -13.77 4.84 1.63
CA THR A 86 -12.92 5.79 0.93
C THR A 86 -12.29 5.14 -0.30
N ALA A 87 -12.23 5.91 -1.37
CA ALA A 87 -11.65 5.43 -2.62
C ALA A 87 -10.15 5.22 -2.42
N PRO A 88 -9.55 4.44 -3.38
CA PRO A 88 -8.13 4.16 -3.32
C PRO A 88 -7.30 5.38 -3.75
N LYS A 89 -8.00 6.35 -4.30
CA LYS A 89 -7.35 7.57 -4.77
C LYS A 89 -7.59 8.68 -3.74
N ASP A 90 -8.36 8.34 -2.71
CA ASP A 90 -8.67 9.30 -1.66
C ASP A 90 -7.81 9.01 -0.43
N VAL A 91 -7.60 7.72 -0.19
CA VAL A 91 -6.80 7.29 0.95
C VAL A 91 -5.46 8.02 0.93
N CYS A 92 -4.77 7.90 -0.20
CA CYS A 92 -3.47 8.53 -0.36
C CYS A 92 -3.71 10.01 -0.66
N THR A 93 -4.24 10.70 0.33
CA THR A 93 -4.52 12.13 0.19
C THR A 93 -4.77 12.76 1.56
N LYS A 94 -5.82 12.28 2.22
CA LYS A 94 -6.17 12.78 3.53
C LYS A 94 -5.31 12.09 4.59
N LEU A 95 -4.72 10.97 4.20
CA LEU A 95 -3.87 10.22 5.10
C LEU A 95 -2.47 10.83 5.10
N ASN A 96 -2.28 11.81 4.24
CA ASN A 96 -0.99 12.48 4.13
C ASN A 96 0.04 11.51 3.55
N GLU A 97 -0.46 10.58 2.74
CA GLU A 97 0.41 9.60 2.13
C GLU A 97 0.29 9.66 0.61
N CYS A 98 0.49 10.86 0.08
CA CYS A 98 0.40 11.08 -1.36
C CYS A 98 0.34 12.57 -1.62
N PRO A 99 0.77 12.96 -2.85
CA PRO A 99 0.76 14.36 -3.24
C PRO A 99 -0.65 14.85 -3.53
N ARG A 19 7.21 16.18 -0.56
CA ARG A 19 7.04 15.49 0.71
C ARG A 19 6.64 14.04 0.47
N SER A 20 7.64 13.18 0.32
CA SER A 20 7.39 11.77 0.09
C SER A 20 7.40 11.48 -1.41
N ALA A 21 6.70 10.41 -1.78
CA ALA A 21 6.61 10.02 -3.17
C ALA A 21 6.21 8.54 -3.26
N LEU A 22 7.11 7.69 -2.78
CA LEU A 22 6.87 6.25 -2.80
C LEU A 22 5.70 5.94 -1.88
N SER A 23 5.46 6.83 -0.93
CA SER A 23 4.38 6.65 0.03
C SER A 23 3.05 6.53 -0.72
N CYS A 24 2.95 7.25 -1.82
CA CYS A 24 1.75 7.23 -2.63
C CYS A 24 1.71 5.91 -3.40
N GLN A 25 2.64 5.77 -4.32
CA GLN A 25 2.73 4.57 -5.13
C GLN A 25 2.44 3.33 -4.27
N MET A 26 3.24 3.19 -3.23
CA MET A 26 3.08 2.05 -2.32
C MET A 26 1.63 1.92 -1.86
N CYS A 27 1.02 3.08 -1.60
CA CYS A 27 -0.36 3.10 -1.15
C CYS A 27 -1.25 2.58 -2.28
N GLU A 28 -0.87 2.94 -3.49
CA GLU A 28 -1.63 2.52 -4.66
C GLU A 28 -1.37 1.04 -4.95
N LEU A 29 -0.47 0.47 -4.18
CA LEU A 29 -0.12 -0.94 -4.34
C LEU A 29 -0.98 -1.78 -3.40
N VAL A 30 -1.03 -1.35 -2.15
CA VAL A 30 -1.82 -2.06 -1.15
C VAL A 30 -3.29 -2.00 -1.53
N VAL A 31 -3.72 -0.81 -1.93
CA VAL A 31 -5.11 -0.60 -2.32
C VAL A 31 -5.42 -1.44 -3.56
N LYS A 32 -4.65 -1.18 -4.62
CA LYS A 32 -4.82 -1.89 -5.86
C LYS A 32 -5.00 -3.38 -5.57
N LYS A 33 -4.34 -3.83 -4.52
CA LYS A 33 -4.42 -5.22 -4.11
C LYS A 33 -5.71 -5.45 -3.33
N TYR A 34 -6.03 -4.49 -2.48
CA TYR A 34 -7.23 -4.57 -1.67
C TYR A 34 -8.48 -4.37 -2.51
N GLU A 35 -8.62 -3.16 -3.03
CA GLU A 35 -9.77 -2.82 -3.86
C GLU A 35 -10.01 -3.93 -4.89
N GLY A 36 -8.92 -4.46 -5.41
CA GLY A 36 -9.00 -5.51 -6.41
C GLY A 36 -8.43 -6.83 -5.87
N SER A 37 -8.90 -7.20 -4.68
CA SER A 37 -8.43 -8.42 -4.04
C SER A 37 -9.51 -9.51 -4.16
N ALA A 38 -10.74 -9.10 -3.93
CA ALA A 38 -11.86 -10.01 -4.01
C ALA A 38 -11.74 -11.07 -2.90
N ASP A 39 -10.80 -10.81 -1.99
CA ASP A 39 -10.57 -11.72 -0.88
C ASP A 39 -10.81 -10.98 0.44
N LYS A 40 -10.95 -9.67 0.32
CA LYS A 40 -11.19 -8.84 1.50
C LYS A 40 -10.28 -9.31 2.63
N ASP A 41 -9.04 -9.58 2.28
CA ASP A 41 -8.06 -10.04 3.26
C ASP A 41 -6.87 -9.08 3.26
N ALA A 42 -6.69 -8.42 4.40
CA ALA A 42 -5.60 -7.47 4.55
C ALA A 42 -4.28 -8.23 4.68
N ASN A 43 -4.40 -9.56 4.69
CA ASN A 43 -3.23 -10.41 4.82
C ASN A 43 -2.69 -10.72 3.43
N VAL A 44 -3.60 -11.08 2.53
CA VAL A 44 -3.22 -11.40 1.16
C VAL A 44 -3.10 -10.11 0.36
N ILE A 45 -3.50 -9.01 0.99
CA ILE A 45 -3.44 -7.71 0.34
C ILE A 45 -2.09 -7.07 0.63
N LYS A 46 -1.76 -6.99 1.91
CA LYS A 46 -0.50 -6.40 2.34
C LYS A 46 0.66 -7.25 1.80
N LYS A 47 0.41 -8.54 1.72
CA LYS A 47 1.42 -9.46 1.22
C LYS A 47 1.64 -9.23 -0.26
N ASP A 48 0.54 -9.23 -1.00
CA ASP A 48 0.60 -9.03 -2.44
C ASP A 48 1.45 -7.79 -2.73
N PHE A 49 1.14 -6.72 -2.02
CA PHE A 49 1.88 -5.47 -2.21
C PHE A 49 3.38 -5.72 -2.20
N ASP A 50 3.85 -6.35 -1.14
CA ASP A 50 5.27 -6.66 -1.00
C ASP A 50 5.73 -7.45 -2.21
N ALA A 51 4.77 -8.08 -2.88
CA ALA A 51 5.06 -8.88 -4.06
C ALA A 51 5.42 -7.95 -5.22
N GLU A 52 4.50 -7.04 -5.52
CA GLU A 52 4.71 -6.09 -6.60
C GLU A 52 5.53 -4.90 -6.12
N CYS A 53 6.16 -5.09 -4.97
CA CYS A 53 6.98 -4.03 -4.38
C CYS A 53 8.42 -4.53 -4.32
N LYS A 54 8.57 -5.79 -3.94
CA LYS A 54 9.90 -6.38 -3.83
C LYS A 54 10.54 -6.43 -5.21
N LYS A 55 9.84 -7.08 -6.14
CA LYS A 55 10.33 -7.20 -7.51
C LYS A 55 10.30 -5.83 -8.18
N LEU A 56 9.32 -5.04 -7.79
CA LEU A 56 9.17 -3.70 -8.35
C LEU A 56 10.42 -2.89 -8.04
N PHE A 57 10.73 -2.79 -6.76
CA PHE A 57 11.90 -2.05 -6.33
C PHE A 57 12.85 -2.93 -5.52
N HIS A 58 13.28 -4.01 -6.15
CA HIS A 58 14.18 -4.95 -5.50
C HIS A 58 15.54 -4.28 -5.30
N THR A 59 16.14 -3.87 -6.41
CA THR A 59 17.44 -3.22 -6.36
C THR A 59 17.42 -2.05 -5.39
N ILE A 60 16.33 -1.30 -5.44
CA ILE A 60 16.17 -0.15 -4.57
C ILE A 60 16.74 -0.48 -3.18
N PRO A 61 17.42 0.54 -2.58
CA PRO A 61 18.02 0.37 -1.27
C PRO A 61 16.94 0.37 -0.18
N PHE A 62 16.08 1.38 -0.24
CA PHE A 62 15.00 1.51 0.73
C PHE A 62 13.66 1.15 0.11
N GLY A 63 13.70 0.24 -0.85
CA GLY A 63 12.49 -0.19 -1.53
C GLY A 63 11.82 -1.35 -0.79
N THR A 64 12.42 -2.52 -0.93
CA THR A 64 11.90 -3.71 -0.28
C THR A 64 11.83 -3.50 1.24
N ARG A 65 12.79 -2.76 1.74
CA ARG A 65 12.85 -2.47 3.17
C ARG A 65 11.59 -1.73 3.61
N GLU A 66 11.26 -0.69 2.86
CA GLU A 66 10.08 0.11 3.17
C GLU A 66 8.81 -0.69 2.88
N CYS A 67 8.87 -1.47 1.81
CA CYS A 67 7.74 -2.29 1.41
C CYS A 67 7.25 -3.06 2.64
N ASP A 68 8.11 -3.94 3.14
CA ASP A 68 7.78 -4.73 4.31
C ASP A 68 7.38 -3.81 5.46
N HIS A 69 7.93 -2.60 5.42
CA HIS A 69 7.64 -1.62 6.45
C HIS A 69 6.38 -0.82 6.06
N TYR A 70 5.72 -1.30 5.03
CA TYR A 70 4.51 -0.64 4.55
C TYR A 70 3.29 -1.55 4.74
N VAL A 71 3.44 -2.80 4.31
CA VAL A 71 2.38 -3.77 4.42
C VAL A 71 1.93 -3.86 5.88
N ASN A 72 2.82 -3.47 6.77
CA ASN A 72 2.54 -3.50 8.20
C ASN A 72 2.99 -2.19 8.84
N SER A 73 2.43 -1.10 8.32
CA SER A 73 2.77 0.23 8.83
C SER A 73 1.85 1.28 8.21
N LYS A 74 1.62 1.12 6.91
CA LYS A 74 0.75 2.04 6.19
C LYS A 74 -0.36 1.25 5.49
N VAL A 75 -0.52 0.02 5.93
CA VAL A 75 -1.55 -0.85 5.37
C VAL A 75 -2.78 -0.81 6.26
N ASP A 76 -2.55 -0.95 7.56
CA ASP A 76 -3.63 -0.94 8.52
C ASP A 76 -4.51 0.30 8.30
N PRO A 77 -3.82 1.46 8.09
CA PRO A 77 -4.53 2.71 7.86
C PRO A 77 -5.10 2.76 6.45
N ILE A 78 -4.21 2.58 5.47
CA ILE A 78 -4.61 2.62 4.08
C ILE A 78 -5.88 1.77 3.90
N ILE A 79 -5.74 0.49 4.27
CA ILE A 79 -6.86 -0.43 4.15
C ILE A 79 -8.04 0.10 4.97
N HIS A 80 -7.71 0.93 5.94
CA HIS A 80 -8.72 1.51 6.81
C HIS A 80 -9.65 2.42 5.99
N GLU A 81 -9.02 3.34 5.27
CA GLU A 81 -9.76 4.27 4.44
C GLU A 81 -10.68 3.51 3.48
N LEU A 82 -10.10 2.54 2.79
CA LEU A 82 -10.86 1.74 1.85
C LEU A 82 -11.99 1.02 2.58
N GLU A 83 -11.68 0.54 3.78
CA GLU A 83 -12.66 -0.15 4.59
C GLU A 83 -13.89 0.74 4.82
N GLY A 84 -13.63 1.91 5.38
CA GLY A 84 -14.69 2.86 5.66
C GLY A 84 -15.48 3.19 4.40
N GLY A 85 -14.75 3.44 3.32
CA GLY A 85 -15.37 3.76 2.05
C GLY A 85 -14.65 4.94 1.38
N THR A 86 -13.33 4.87 1.40
CA THR A 86 -12.53 5.93 0.79
C THR A 86 -11.80 5.40 -0.45
N ALA A 87 -11.80 6.22 -1.49
CA ALA A 87 -11.16 5.85 -2.73
C ALA A 87 -9.68 5.52 -2.47
N PRO A 88 -9.07 4.80 -3.45
CA PRO A 88 -7.68 4.40 -3.32
C PRO A 88 -6.74 5.59 -3.56
N LYS A 89 -7.34 6.66 -4.06
CA LYS A 89 -6.57 7.87 -4.35
C LYS A 89 -6.78 8.87 -3.21
N ASP A 90 -7.87 8.68 -2.48
CA ASP A 90 -8.20 9.55 -1.38
C ASP A 90 -7.35 9.16 -0.16
N VAL A 91 -7.01 7.88 -0.10
CA VAL A 91 -6.21 7.38 1.00
C VAL A 91 -4.80 7.99 0.93
N CYS A 92 -4.23 7.94 -0.26
CA CYS A 92 -2.90 8.48 -0.48
C CYS A 92 -3.00 10.01 -0.49
N THR A 93 -3.43 10.56 0.64
CA THR A 93 -3.57 11.99 0.77
C THR A 93 -4.07 12.36 2.17
N LYS A 94 -5.15 11.70 2.56
CA LYS A 94 -5.74 11.95 3.87
C LYS A 94 -4.71 11.64 4.95
N LEU A 95 -4.03 10.52 4.78
CA LEU A 95 -3.00 10.10 5.73
C LEU A 95 -1.64 10.60 5.25
N ASN A 96 -1.65 11.76 4.62
CA ASN A 96 -0.42 12.35 4.11
C ASN A 96 0.44 11.25 3.47
N GLU A 97 -0.25 10.29 2.88
CA GLU A 97 0.44 9.18 2.23
C GLU A 97 0.93 9.61 0.83
N CYS A 98 0.76 10.89 0.55
CA CYS A 98 1.17 11.43 -0.73
C CYS A 98 1.23 12.96 -0.61
N PRO A 99 2.30 13.53 -1.20
CA PRO A 99 2.50 14.98 -1.16
C PRO A 99 1.55 15.67 -2.14
N ARG A 19 11.48 8.36 1.79
CA ARG A 19 10.03 8.17 1.85
C ARG A 19 9.31 9.50 1.62
N SER A 20 9.14 9.83 0.36
CA SER A 20 8.47 11.07 -0.02
C SER A 20 8.12 11.05 -1.50
N ALA A 21 7.62 9.91 -1.95
CA ALA A 21 7.24 9.76 -3.34
C ALA A 21 6.92 8.29 -3.62
N LEU A 22 7.96 7.46 -3.50
CA LEU A 22 7.81 6.04 -3.73
C LEU A 22 6.78 5.47 -2.76
N SER A 23 6.58 6.20 -1.67
CA SER A 23 5.62 5.78 -0.66
C SER A 23 4.20 5.92 -1.19
N CYS A 24 4.00 6.96 -1.98
CA CYS A 24 2.69 7.22 -2.56
C CYS A 24 2.30 6.02 -3.41
N GLN A 25 3.14 5.72 -4.39
CA GLN A 25 2.91 4.60 -5.28
C GLN A 25 2.48 3.36 -4.48
N MET A 26 3.29 3.06 -3.47
CA MET A 26 3.02 1.92 -2.62
C MET A 26 1.57 1.88 -2.18
N CYS A 27 1.03 3.06 -1.90
CA CYS A 27 -0.36 3.18 -1.48
C CYS A 27 -1.24 2.61 -2.58
N GLU A 28 -0.81 2.83 -3.82
CA GLU A 28 -1.56 2.34 -4.96
C GLU A 28 -1.31 0.85 -5.17
N LEU A 29 -0.38 0.33 -4.38
CA LEU A 29 -0.03 -1.08 -4.47
C LEU A 29 -0.93 -1.88 -3.53
N VAL A 30 -1.02 -1.40 -2.29
CA VAL A 30 -1.83 -2.06 -1.29
C VAL A 30 -3.30 -2.01 -1.72
N VAL A 31 -3.75 -0.82 -2.04
CA VAL A 31 -5.13 -0.63 -2.47
C VAL A 31 -5.40 -1.50 -3.70
N LYS A 32 -4.61 -1.28 -4.74
CA LYS A 32 -4.76 -2.04 -5.97
C LYS A 32 -4.94 -3.51 -5.63
N LYS A 33 -4.29 -3.93 -4.55
CA LYS A 33 -4.37 -5.31 -4.10
C LYS A 33 -5.70 -5.54 -3.38
N TYR A 34 -6.06 -4.56 -2.57
CA TYR A 34 -7.31 -4.64 -1.82
C TYR A 34 -8.51 -4.40 -2.72
N GLU A 35 -8.60 -3.17 -3.21
CA GLU A 35 -9.70 -2.79 -4.09
C GLU A 35 -10.01 -3.92 -5.07
N GLY A 36 -8.94 -4.52 -5.59
CA GLY A 36 -9.08 -5.61 -6.54
C GLY A 36 -8.51 -6.91 -5.96
N SER A 37 -8.81 -7.14 -4.69
CA SER A 37 -8.34 -8.34 -4.02
C SER A 37 -9.10 -9.57 -4.53
N ALA A 38 -10.42 -9.45 -4.52
CA ALA A 38 -11.27 -10.54 -4.98
C ALA A 38 -11.49 -11.52 -3.83
N ASP A 39 -10.70 -11.36 -2.78
CA ASP A 39 -10.81 -12.22 -1.62
C ASP A 39 -11.24 -11.38 -0.41
N LYS A 40 -10.86 -10.11 -0.44
CA LYS A 40 -11.20 -9.21 0.64
C LYS A 40 -10.47 -9.65 1.91
N ASP A 41 -9.14 -9.61 1.84
CA ASP A 41 -8.32 -10.01 2.97
C ASP A 41 -7.08 -9.12 3.01
N ALA A 42 -6.99 -8.34 4.08
CA ALA A 42 -5.85 -7.44 4.27
C ALA A 42 -4.57 -8.27 4.38
N ASN A 43 -4.75 -9.57 4.53
CA ASN A 43 -3.62 -10.49 4.66
C ASN A 43 -3.05 -10.77 3.27
N VAL A 44 -3.95 -10.97 2.32
CA VAL A 44 -3.54 -11.26 0.96
C VAL A 44 -3.25 -9.95 0.23
N ILE A 45 -3.58 -8.84 0.91
CA ILE A 45 -3.36 -7.53 0.34
C ILE A 45 -1.98 -7.02 0.76
N LYS A 46 -1.83 -6.80 2.05
CA LYS A 46 -0.57 -6.32 2.59
C LYS A 46 0.57 -7.18 2.06
N LYS A 47 0.32 -8.48 2.00
CA LYS A 47 1.31 -9.42 1.51
C LYS A 47 1.51 -9.20 0.01
N ASP A 48 0.41 -9.31 -0.72
CA ASP A 48 0.45 -9.12 -2.17
C ASP A 48 1.35 -7.94 -2.50
N PHE A 49 1.04 -6.81 -1.88
CA PHE A 49 1.82 -5.60 -2.10
C PHE A 49 3.32 -5.90 -2.12
N ASP A 50 3.82 -6.36 -0.98
CA ASP A 50 5.22 -6.70 -0.86
C ASP A 50 5.67 -7.47 -2.09
N ALA A 51 4.76 -8.29 -2.60
CA ALA A 51 5.04 -9.10 -3.77
C ALA A 51 5.40 -8.18 -4.94
N GLU A 52 4.47 -7.29 -5.25
CA GLU A 52 4.67 -6.36 -6.35
C GLU A 52 5.37 -5.10 -5.84
N CYS A 53 6.14 -5.27 -4.78
CA CYS A 53 6.87 -4.16 -4.20
C CYS A 53 8.36 -4.50 -4.24
N LYS A 54 8.70 -5.63 -3.64
CA LYS A 54 10.08 -6.06 -3.59
C LYS A 54 10.55 -6.39 -5.01
N LYS A 55 9.64 -6.96 -5.78
CA LYS A 55 9.95 -7.32 -7.16
C LYS A 55 9.96 -6.06 -8.03
N LEU A 56 8.98 -5.21 -7.79
CA LEU A 56 8.86 -3.96 -8.53
C LEU A 56 9.99 -3.01 -8.12
N PHE A 57 10.03 -2.72 -6.83
CA PHE A 57 11.04 -1.84 -6.30
C PHE A 57 12.31 -2.61 -5.92
N HIS A 58 12.48 -3.74 -6.58
CA HIS A 58 13.63 -4.59 -6.33
C HIS A 58 14.92 -3.79 -6.59
N THR A 59 14.75 -2.70 -7.33
CA THR A 59 15.89 -1.85 -7.66
C THR A 59 16.08 -0.78 -6.59
N ILE A 60 15.02 -0.02 -6.36
CA ILE A 60 15.06 1.04 -5.36
C ILE A 60 16.05 0.66 -4.27
N PRO A 61 16.83 1.69 -3.81
CA PRO A 61 17.81 1.48 -2.77
C PRO A 61 17.14 1.33 -1.40
N PHE A 62 17.04 0.08 -0.96
CA PHE A 62 16.43 -0.20 0.33
C PHE A 62 14.90 -0.10 0.24
N GLY A 63 14.44 0.28 -0.94
CA GLY A 63 13.01 0.42 -1.16
C GLY A 63 12.24 -0.78 -0.59
N THR A 64 12.80 -1.95 -0.81
CA THR A 64 12.18 -3.18 -0.33
C THR A 64 11.86 -3.06 1.16
N ARG A 65 12.85 -2.59 1.91
CA ARG A 65 12.70 -2.43 3.34
C ARG A 65 11.44 -1.61 3.65
N GLU A 66 11.21 -0.61 2.82
CA GLU A 66 10.05 0.25 2.99
C GLU A 66 8.77 -0.49 2.59
N CYS A 67 8.90 -1.34 1.58
CA CYS A 67 7.77 -2.11 1.10
C CYS A 67 7.20 -2.90 2.29
N ASP A 68 8.05 -3.72 2.88
CA ASP A 68 7.65 -4.53 4.02
C ASP A 68 7.18 -3.62 5.15
N HIS A 69 7.74 -2.42 5.17
CA HIS A 69 7.40 -1.45 6.20
C HIS A 69 6.09 -0.75 5.81
N TYR A 70 5.56 -1.14 4.67
CA TYR A 70 4.32 -0.57 4.18
C TYR A 70 3.13 -1.51 4.43
N VAL A 71 3.44 -2.80 4.43
CA VAL A 71 2.43 -3.81 4.66
C VAL A 71 2.34 -4.11 6.15
N ASN A 72 2.53 -3.06 6.94
CA ASN A 72 2.47 -3.21 8.39
C ASN A 72 2.72 -1.85 9.04
N SER A 73 2.04 -0.84 8.51
CA SER A 73 2.18 0.52 9.03
C SER A 73 1.49 1.51 8.09
N LYS A 74 1.50 1.17 6.81
CA LYS A 74 0.87 2.01 5.80
C LYS A 74 -0.29 1.26 5.15
N VAL A 75 -0.42 -0.01 5.53
CA VAL A 75 -1.47 -0.84 5.00
C VAL A 75 -2.65 -0.86 5.97
N ASP A 76 -2.32 -1.09 7.24
CA ASP A 76 -3.33 -1.14 8.28
C ASP A 76 -4.20 0.12 8.21
N PRO A 77 -3.51 1.28 8.02
CA PRO A 77 -4.20 2.55 7.93
C PRO A 77 -4.90 2.71 6.57
N ILE A 78 -4.09 2.57 5.52
CA ILE A 78 -4.62 2.70 4.17
C ILE A 78 -5.91 1.89 4.05
N ILE A 79 -5.80 0.61 4.32
CA ILE A 79 -6.95 -0.29 4.25
C ILE A 79 -8.02 0.20 5.23
N HIS A 80 -7.57 0.95 6.22
CA HIS A 80 -8.48 1.49 7.23
C HIS A 80 -9.46 2.47 6.57
N GLU A 81 -8.96 3.12 5.53
CA GLU A 81 -9.78 4.08 4.80
C GLU A 81 -10.66 3.38 3.78
N LEU A 82 -10.02 2.65 2.89
CA LEU A 82 -10.73 1.92 1.86
C LEU A 82 -11.83 1.07 2.50
N GLU A 83 -11.45 0.38 3.56
CA GLU A 83 -12.40 -0.46 4.28
C GLU A 83 -13.54 0.39 4.84
N GLY A 84 -13.19 1.57 5.31
CA GLY A 84 -14.17 2.47 5.86
C GLY A 84 -15.17 2.93 4.80
N GLY A 85 -14.70 2.94 3.56
CA GLY A 85 -15.54 3.34 2.45
C GLY A 85 -14.85 4.41 1.60
N THR A 86 -13.66 4.79 2.05
CA THR A 86 -12.87 5.79 1.34
C THR A 86 -12.36 5.22 0.02
N ALA A 87 -12.04 6.14 -0.90
CA ALA A 87 -11.53 5.75 -2.20
C ALA A 87 -10.01 5.55 -2.11
N PRO A 88 -9.46 4.87 -3.15
CA PRO A 88 -8.03 4.61 -3.20
C PRO A 88 -7.26 5.88 -3.59
N LYS A 89 -8.01 6.94 -3.81
CA LYS A 89 -7.42 8.21 -4.19
C LYS A 89 -7.60 9.22 -3.04
N ASP A 90 -8.37 8.80 -2.05
CA ASP A 90 -8.62 9.64 -0.89
C ASP A 90 -7.72 9.21 0.26
N VAL A 91 -7.46 7.91 0.31
CA VAL A 91 -6.61 7.35 1.36
C VAL A 91 -5.22 8.00 1.28
N CYS A 92 -4.65 7.95 0.07
CA CYS A 92 -3.34 8.52 -0.15
C CYS A 92 -3.48 10.04 -0.24
N THR A 93 -3.78 10.65 0.89
CA THR A 93 -3.95 12.08 0.95
C THR A 93 -4.41 12.51 2.34
N LYS A 94 -5.30 11.72 2.91
CA LYS A 94 -5.83 12.01 4.23
C LYS A 94 -4.76 11.65 5.28
N LEU A 95 -4.18 10.48 5.11
CA LEU A 95 -3.16 10.01 6.03
C LEU A 95 -1.80 10.52 5.58
N ASN A 96 -1.84 11.54 4.72
CA ASN A 96 -0.62 12.13 4.21
C ASN A 96 0.30 11.02 3.69
N GLU A 97 -0.31 10.04 3.05
CA GLU A 97 0.44 8.92 2.50
C GLU A 97 0.39 8.93 0.97
N CYS A 98 0.99 9.96 0.40
CA CYS A 98 1.02 10.11 -1.04
C CYS A 98 1.78 11.40 -1.38
N PRO A 99 3.09 11.41 -1.00
CA PRO A 99 3.93 12.56 -1.26
C PRO A 99 4.32 12.64 -2.74
N ARG A 19 9.57 12.93 4.83
CA ARG A 19 8.37 12.32 4.27
C ARG A 19 8.19 12.72 2.81
N SER A 20 7.08 12.29 2.24
CA SER A 20 6.78 12.60 0.85
C SER A 20 7.81 11.92 -0.07
N ALA A 21 7.38 10.83 -0.67
CA ALA A 21 8.24 10.09 -1.58
C ALA A 21 7.40 9.10 -2.38
N LEU A 22 8.05 8.02 -2.80
CA LEU A 22 7.37 6.99 -3.57
C LEU A 22 6.34 6.28 -2.68
N SER A 23 6.41 6.60 -1.40
CA SER A 23 5.49 6.00 -0.43
C SER A 23 4.07 6.03 -0.98
N CYS A 24 3.79 7.07 -1.76
CA CYS A 24 2.47 7.23 -2.35
C CYS A 24 2.17 5.99 -3.20
N GLN A 25 2.97 5.83 -4.25
CA GLN A 25 2.79 4.69 -5.14
C GLN A 25 2.47 3.44 -4.33
N MET A 26 3.32 3.16 -3.36
CA MET A 26 3.13 1.99 -2.52
C MET A 26 1.67 1.86 -2.08
N CYS A 27 1.06 3.00 -1.83
CA CYS A 27 -0.33 3.04 -1.41
C CYS A 27 -1.19 2.44 -2.52
N GLU A 28 -0.85 2.81 -3.76
CA GLU A 28 -1.58 2.32 -4.91
C GLU A 28 -1.31 0.83 -5.12
N LEU A 29 -0.39 0.31 -4.31
CA LEU A 29 -0.04 -1.10 -4.39
C LEU A 29 -0.87 -1.89 -3.39
N VAL A 30 -1.04 -1.29 -2.22
CA VAL A 30 -1.81 -1.93 -1.16
C VAL A 30 -3.31 -1.86 -1.50
N VAL A 31 -3.71 -0.68 -1.98
CA VAL A 31 -5.10 -0.47 -2.34
C VAL A 31 -5.46 -1.35 -3.54
N LYS A 32 -4.74 -1.14 -4.64
CA LYS A 32 -4.97 -1.90 -5.84
C LYS A 32 -5.09 -3.39 -5.48
N LYS A 33 -4.36 -3.77 -4.44
CA LYS A 33 -4.37 -5.15 -3.99
C LYS A 33 -5.61 -5.39 -3.12
N TYR A 34 -5.98 -4.36 -2.38
CA TYR A 34 -7.15 -4.44 -1.51
C TYR A 34 -8.44 -4.28 -2.32
N GLU A 35 -8.65 -3.08 -2.80
CA GLU A 35 -9.84 -2.78 -3.58
C GLU A 35 -9.88 -3.66 -4.84
N GLY A 36 -8.74 -4.23 -5.17
CA GLY A 36 -8.62 -5.08 -6.33
C GLY A 36 -8.13 -6.48 -5.93
N SER A 37 -8.49 -6.88 -4.72
CA SER A 37 -8.09 -8.19 -4.22
C SER A 37 -9.06 -9.26 -4.73
N ALA A 38 -10.33 -9.02 -4.48
CA ALA A 38 -11.36 -9.96 -4.90
C ALA A 38 -11.50 -11.07 -3.86
N ASP A 39 -10.60 -11.04 -2.89
CA ASP A 39 -10.61 -12.04 -1.83
C ASP A 39 -11.03 -11.37 -0.52
N LYS A 40 -10.85 -10.06 -0.47
CA LYS A 40 -11.22 -9.30 0.71
C LYS A 40 -10.43 -9.83 1.91
N ASP A 41 -9.12 -9.65 1.85
CA ASP A 41 -8.25 -10.11 2.92
C ASP A 41 -7.03 -9.19 3.01
N ALA A 42 -6.99 -8.41 4.07
CA ALA A 42 -5.89 -7.49 4.28
C ALA A 42 -4.58 -8.27 4.39
N ASN A 43 -4.73 -9.58 4.53
CA ASN A 43 -3.57 -10.46 4.65
C ASN A 43 -2.97 -10.68 3.26
N VAL A 44 -3.82 -11.16 2.36
CA VAL A 44 -3.38 -11.43 0.99
C VAL A 44 -3.17 -10.11 0.26
N ILE A 45 -3.51 -9.02 0.95
CA ILE A 45 -3.37 -7.70 0.38
C ILE A 45 -1.97 -7.16 0.68
N LYS A 46 -1.74 -6.91 1.97
CA LYS A 46 -0.45 -6.40 2.41
C LYS A 46 0.67 -7.29 1.85
N LYS A 47 0.38 -8.58 1.82
CA LYS A 47 1.35 -9.54 1.32
C LYS A 47 1.55 -9.33 -0.19
N ASP A 48 0.44 -9.22 -0.89
CA ASP A 48 0.47 -9.00 -2.33
C ASP A 48 1.42 -7.85 -2.64
N PHE A 49 1.17 -6.72 -1.98
CA PHE A 49 2.00 -5.54 -2.19
C PHE A 49 3.49 -5.91 -2.22
N ASP A 50 3.93 -6.53 -1.13
CA ASP A 50 5.33 -6.93 -1.03
C ASP A 50 5.73 -7.67 -2.31
N ALA A 51 4.74 -8.31 -2.93
CA ALA A 51 5.00 -9.05 -4.15
C ALA A 51 5.35 -8.08 -5.27
N GLU A 52 4.41 -7.19 -5.58
CA GLU A 52 4.62 -6.20 -6.61
C GLU A 52 5.39 -5.00 -6.06
N CYS A 53 6.15 -5.25 -5.00
CA CYS A 53 6.93 -4.21 -4.37
C CYS A 53 8.40 -4.65 -4.36
N LYS A 54 8.61 -5.88 -3.92
CA LYS A 54 9.95 -6.43 -3.85
C LYS A 54 10.53 -6.52 -5.26
N LYS A 55 9.67 -6.87 -6.21
CA LYS A 55 10.09 -7.00 -7.59
C LYS A 55 10.03 -5.63 -8.27
N LEU A 56 9.01 -4.86 -7.88
CA LEU A 56 8.84 -3.54 -8.43
C LEU A 56 10.01 -2.64 -8.01
N PHE A 57 10.07 -2.39 -6.71
CA PHE A 57 11.12 -1.56 -6.16
C PHE A 57 12.35 -2.39 -5.78
N HIS A 58 12.50 -3.50 -6.49
CA HIS A 58 13.61 -4.40 -6.25
C HIS A 58 14.93 -3.63 -6.37
N THR A 59 15.06 -2.93 -7.49
CA THR A 59 16.26 -2.14 -7.73
C THR A 59 16.51 -1.17 -6.58
N ILE A 60 15.45 -0.49 -6.18
CA ILE A 60 15.53 0.48 -5.10
C ILE A 60 16.37 -0.12 -3.96
N PRO A 61 17.18 0.76 -3.32
CA PRO A 61 18.02 0.33 -2.21
C PRO A 61 17.19 0.10 -0.95
N PHE A 62 16.43 1.12 -0.58
CA PHE A 62 15.60 1.05 0.61
C PHE A 62 14.12 0.90 0.22
N GLY A 63 13.89 0.23 -0.89
CA GLY A 63 12.53 0.01 -1.37
C GLY A 63 11.91 -1.22 -0.71
N THR A 64 12.61 -2.34 -0.84
CA THR A 64 12.12 -3.59 -0.26
C THR A 64 11.97 -3.45 1.25
N ARG A 65 12.95 -2.80 1.86
CA ARG A 65 12.93 -2.59 3.29
C ARG A 65 11.69 -1.79 3.70
N GLU A 66 11.39 -0.77 2.91
CA GLU A 66 10.24 0.07 3.17
C GLU A 66 8.95 -0.67 2.83
N CYS A 67 9.07 -1.58 1.88
CA CYS A 67 7.92 -2.37 1.45
C CYS A 67 7.33 -3.06 2.68
N ASP A 68 8.09 -3.97 3.24
CA ASP A 68 7.66 -4.71 4.41
C ASP A 68 7.31 -3.72 5.53
N HIS A 69 7.95 -2.56 5.47
CA HIS A 69 7.72 -1.53 6.46
C HIS A 69 6.46 -0.74 6.10
N TYR A 70 5.85 -1.14 5.01
CA TYR A 70 4.63 -0.48 4.54
C TYR A 70 3.43 -1.42 4.65
N VAL A 71 3.61 -2.63 4.15
CA VAL A 71 2.54 -3.62 4.19
C VAL A 71 2.04 -3.78 5.62
N ASN A 72 2.90 -3.36 6.56
CA ASN A 72 2.55 -3.44 7.97
C ASN A 72 2.99 -2.16 8.66
N SER A 73 2.29 -1.09 8.37
CA SER A 73 2.59 0.21 8.96
C SER A 73 1.78 1.31 8.28
N LYS A 74 1.55 1.11 6.98
CA LYS A 74 0.79 2.07 6.20
C LYS A 74 -0.34 1.35 5.46
N VAL A 75 -0.45 0.06 5.73
CA VAL A 75 -1.48 -0.76 5.11
C VAL A 75 -2.67 -0.88 6.05
N ASP A 76 -2.36 -1.11 7.32
CA ASP A 76 -3.39 -1.25 8.34
C ASP A 76 -4.29 -0.02 8.31
N PRO A 77 -3.64 1.16 8.22
CA PRO A 77 -4.37 2.43 8.18
C PRO A 77 -5.02 2.64 6.81
N ILE A 78 -4.19 2.63 5.78
CA ILE A 78 -4.67 2.83 4.43
C ILE A 78 -5.91 1.96 4.21
N ILE A 79 -5.75 0.67 4.48
CA ILE A 79 -6.84 -0.27 4.31
C ILE A 79 -8.00 0.12 5.24
N HIS A 80 -7.65 0.84 6.30
CA HIS A 80 -8.63 1.28 7.27
C HIS A 80 -9.61 2.25 6.59
N GLU A 81 -9.05 3.19 5.85
CA GLU A 81 -9.85 4.19 5.16
C GLU A 81 -10.78 3.50 4.16
N LEU A 82 -10.19 2.66 3.31
CA LEU A 82 -10.95 1.94 2.32
C LEU A 82 -12.04 1.11 3.00
N GLU A 83 -11.69 0.59 4.17
CA GLU A 83 -12.63 -0.21 4.93
C GLU A 83 -13.82 0.64 5.38
N GLY A 84 -13.59 1.93 5.47
CA GLY A 84 -14.63 2.86 5.89
C GLY A 84 -15.49 3.28 4.69
N GLY A 85 -14.89 3.19 3.51
CA GLY A 85 -15.59 3.56 2.29
C GLY A 85 -14.79 4.59 1.49
N THR A 86 -13.62 4.92 2.02
CA THR A 86 -12.76 5.89 1.38
C THR A 86 -12.16 5.31 0.09
N ALA A 87 -12.07 6.16 -0.92
CA ALA A 87 -11.53 5.75 -2.20
C ALA A 87 -10.03 5.47 -2.05
N PRO A 88 -9.48 4.74 -3.06
CA PRO A 88 -8.06 4.40 -3.04
C PRO A 88 -7.20 5.62 -3.39
N LYS A 89 -7.83 6.58 -4.05
CA LYS A 89 -7.14 7.80 -4.45
C LYS A 89 -7.39 8.88 -3.41
N ASP A 90 -8.11 8.51 -2.36
CA ASP A 90 -8.43 9.44 -1.29
C ASP A 90 -7.56 9.12 -0.07
N VAL A 91 -7.27 7.84 0.09
CA VAL A 91 -6.46 7.40 1.21
C VAL A 91 -5.06 8.02 1.10
N CYS A 92 -4.54 8.01 -0.12
CA CYS A 92 -3.23 8.56 -0.36
C CYS A 92 -3.35 10.08 -0.47
N THR A 93 -3.70 10.70 0.65
CA THR A 93 -3.86 12.14 0.69
C THR A 93 -4.40 12.58 2.06
N LYS A 94 -5.65 12.21 2.31
CA LYS A 94 -6.29 12.55 3.56
C LYS A 94 -5.49 11.96 4.72
N LEU A 95 -4.96 10.76 4.47
CA LEU A 95 -4.18 10.07 5.48
C LEU A 95 -2.84 10.79 5.67
N ASN A 96 -2.62 11.78 4.83
CA ASN A 96 -1.39 12.56 4.89
C ASN A 96 -0.21 11.68 4.45
N GLU A 97 -0.51 10.73 3.57
CA GLU A 97 0.50 9.83 3.08
C GLU A 97 1.07 10.35 1.76
N CYS A 98 0.41 9.99 0.67
CA CYS A 98 0.84 10.42 -0.65
C CYS A 98 0.75 11.95 -0.71
N PRO A 99 1.79 12.56 -1.36
CA PRO A 99 1.84 14.00 -1.49
C PRO A 99 0.85 14.48 -2.56
N ARG A 19 10.29 8.18 3.07
CA ARG A 19 9.07 8.23 2.28
C ARG A 19 8.77 9.67 1.86
N SER A 20 9.36 10.07 0.74
CA SER A 20 9.16 11.41 0.23
C SER A 20 8.49 11.36 -1.15
N ALA A 21 7.76 10.28 -1.36
CA ALA A 21 7.05 10.08 -2.63
C ALA A 21 6.68 8.61 -2.77
N LEU A 22 7.66 7.75 -2.57
CA LEU A 22 7.44 6.32 -2.68
C LEU A 22 6.14 5.96 -1.98
N SER A 23 6.06 6.31 -0.71
CA SER A 23 4.88 6.02 0.08
C SER A 23 3.62 6.20 -0.78
N CYS A 24 3.67 7.22 -1.63
CA CYS A 24 2.54 7.51 -2.50
C CYS A 24 2.21 6.24 -3.30
N GLN A 25 3.10 5.92 -4.23
CA GLN A 25 2.91 4.74 -5.06
C GLN A 25 2.51 3.54 -4.19
N MET A 26 3.29 3.32 -3.16
CA MET A 26 3.04 2.21 -2.25
C MET A 26 1.56 2.16 -1.86
N CYS A 27 1.02 3.31 -1.52
CA CYS A 27 -0.38 3.41 -1.13
C CYS A 27 -1.24 2.87 -2.29
N GLU A 28 -0.74 3.08 -3.50
CA GLU A 28 -1.44 2.63 -4.68
C GLU A 28 -1.15 1.15 -4.94
N LEU A 29 -0.29 0.60 -4.10
CA LEU A 29 0.07 -0.81 -4.23
C LEU A 29 -0.83 -1.65 -3.32
N VAL A 30 -1.03 -1.16 -2.11
CA VAL A 30 -1.86 -1.85 -1.14
C VAL A 30 -3.32 -1.85 -1.64
N VAL A 31 -3.70 -0.73 -2.25
CA VAL A 31 -5.04 -0.60 -2.77
C VAL A 31 -5.23 -1.56 -3.94
N LYS A 32 -4.40 -1.38 -4.96
CA LYS A 32 -4.46 -2.22 -6.15
C LYS A 32 -4.55 -3.68 -5.72
N LYS A 33 -3.93 -3.98 -4.59
CA LYS A 33 -3.95 -5.33 -4.06
C LYS A 33 -5.26 -5.58 -3.31
N TYR A 34 -5.68 -4.57 -2.57
CA TYR A 34 -6.91 -4.65 -1.81
C TYR A 34 -8.13 -4.54 -2.73
N GLU A 35 -8.32 -3.34 -3.27
CA GLU A 35 -9.43 -3.09 -4.16
C GLU A 35 -9.61 -4.25 -5.14
N GLY A 36 -8.47 -4.71 -5.67
CA GLY A 36 -8.48 -5.81 -6.62
C GLY A 36 -7.77 -7.03 -6.04
N SER A 37 -8.13 -7.36 -4.80
CA SER A 37 -7.53 -8.50 -4.13
C SER A 37 -8.23 -9.79 -4.57
N ALA A 38 -9.56 -9.76 -4.52
CA ALA A 38 -10.35 -10.90 -4.91
C ALA A 38 -10.47 -11.86 -3.73
N ASP A 39 -11.02 -11.35 -2.64
CA ASP A 39 -11.20 -12.13 -1.43
C ASP A 39 -11.44 -11.20 -0.24
N LYS A 40 -10.90 -10.01 -0.36
CA LYS A 40 -11.05 -9.01 0.71
C LYS A 40 -10.32 -9.50 1.95
N ASP A 41 -9.02 -9.64 1.82
CA ASP A 41 -8.19 -10.10 2.93
C ASP A 41 -6.93 -9.23 3.02
N ALA A 42 -6.96 -8.31 3.98
CA ALA A 42 -5.83 -7.42 4.18
C ALA A 42 -4.55 -8.24 4.30
N ASN A 43 -4.73 -9.51 4.57
CA ASN A 43 -3.59 -10.41 4.71
C ASN A 43 -2.99 -10.69 3.34
N VAL A 44 -3.84 -11.14 2.43
CA VAL A 44 -3.40 -11.44 1.07
C VAL A 44 -3.13 -10.14 0.33
N ILE A 45 -3.48 -9.03 0.99
CA ILE A 45 -3.27 -7.72 0.40
C ILE A 45 -1.90 -7.19 0.80
N LYS A 46 -1.79 -6.80 2.06
CA LYS A 46 -0.54 -6.27 2.58
C LYS A 46 0.62 -7.13 2.06
N LYS A 47 0.38 -8.43 2.02
CA LYS A 47 1.40 -9.36 1.55
C LYS A 47 1.58 -9.19 0.04
N ASP A 48 0.46 -9.11 -0.66
CA ASP A 48 0.49 -8.94 -2.10
C ASP A 48 1.37 -7.74 -2.45
N PHE A 49 1.11 -6.63 -1.77
CA PHE A 49 1.88 -5.43 -2.01
C PHE A 49 3.37 -5.71 -1.99
N ASP A 50 3.80 -6.40 -0.95
CA ASP A 50 5.21 -6.74 -0.81
C ASP A 50 5.68 -7.50 -2.04
N ALA A 51 4.72 -8.13 -2.71
CA ALA A 51 5.02 -8.89 -3.92
C ALA A 51 5.42 -7.93 -5.03
N GLU A 52 4.42 -7.25 -5.57
CA GLU A 52 4.66 -6.30 -6.65
C GLU A 52 5.78 -5.34 -6.27
N CYS A 53 5.93 -5.13 -4.97
CA CYS A 53 6.96 -4.24 -4.47
C CYS A 53 8.31 -4.95 -4.59
N LYS A 54 8.28 -6.25 -4.35
CA LYS A 54 9.50 -7.05 -4.44
C LYS A 54 9.83 -7.31 -5.90
N LYS A 55 8.98 -6.77 -6.78
CA LYS A 55 9.18 -6.93 -8.21
C LYS A 55 9.41 -5.56 -8.84
N LEU A 56 8.54 -4.64 -8.51
CA LEU A 56 8.65 -3.28 -9.03
C LEU A 56 9.70 -2.51 -8.23
N PHE A 57 9.57 -2.59 -6.92
CA PHE A 57 10.50 -1.91 -6.03
C PHE A 57 11.81 -2.70 -5.90
N HIS A 58 11.92 -3.74 -6.69
CA HIS A 58 13.11 -4.58 -6.68
C HIS A 58 14.34 -3.73 -7.00
N THR A 59 14.25 -3.02 -8.12
CA THR A 59 15.35 -2.18 -8.56
C THR A 59 15.73 -1.19 -7.44
N ILE A 60 14.81 -1.00 -6.52
CA ILE A 60 15.03 -0.10 -5.40
C ILE A 60 15.90 -0.80 -4.35
N PRO A 61 16.84 0.00 -3.76
CA PRO A 61 17.73 -0.52 -2.75
C PRO A 61 17.01 -0.72 -1.42
N PHE A 62 16.59 0.40 -0.83
CA PHE A 62 15.89 0.36 0.44
C PHE A 62 14.39 0.15 0.22
N GLY A 63 14.02 -0.08 -1.03
CA GLY A 63 12.64 -0.29 -1.38
C GLY A 63 12.06 -1.50 -0.63
N THR A 64 12.43 -2.68 -1.12
CA THR A 64 11.97 -3.91 -0.51
C THR A 64 11.93 -3.77 1.01
N ARG A 65 12.88 -3.02 1.54
CA ARG A 65 12.96 -2.80 2.97
C ARG A 65 11.75 -2.01 3.46
N GLU A 66 11.48 -0.91 2.78
CA GLU A 66 10.36 -0.05 3.13
C GLU A 66 9.04 -0.78 2.81
N CYS A 67 9.11 -1.68 1.85
CA CYS A 67 7.94 -2.43 1.45
C CYS A 67 7.33 -3.07 2.70
N ASP A 68 8.05 -4.05 3.24
CA ASP A 68 7.59 -4.75 4.42
C ASP A 68 7.34 -3.73 5.54
N HIS A 69 8.01 -2.61 5.43
CA HIS A 69 7.87 -1.56 6.43
C HIS A 69 6.63 -0.71 6.10
N TYR A 70 5.95 -1.10 5.03
CA TYR A 70 4.75 -0.39 4.61
C TYR A 70 3.51 -1.27 4.77
N VAL A 71 3.62 -2.49 4.27
CA VAL A 71 2.52 -3.43 4.36
C VAL A 71 2.08 -3.58 5.82
N ASN A 72 2.97 -3.17 6.71
CA ASN A 72 2.68 -3.24 8.13
C ASN A 72 3.16 -1.95 8.81
N SER A 73 2.40 -0.89 8.56
CA SER A 73 2.72 0.41 9.13
C SER A 73 1.92 1.50 8.42
N LYS A 74 1.62 1.25 7.16
CA LYS A 74 0.87 2.20 6.36
C LYS A 74 -0.26 1.47 5.63
N VAL A 75 -0.45 0.21 6.01
CA VAL A 75 -1.48 -0.61 5.40
C VAL A 75 -2.72 -0.61 6.29
N ASP A 76 -2.49 -0.88 7.57
CA ASP A 76 -3.57 -0.91 8.54
C ASP A 76 -4.41 0.35 8.39
N PRO A 77 -3.70 1.51 8.26
CA PRO A 77 -4.37 2.78 8.12
C PRO A 77 -4.96 2.94 6.72
N ILE A 78 -4.10 2.81 5.73
CA ILE A 78 -4.53 2.94 4.34
C ILE A 78 -5.81 2.13 4.13
N ILE A 79 -5.71 0.84 4.39
CA ILE A 79 -6.84 -0.05 4.24
C ILE A 79 -7.99 0.43 5.14
N HIS A 80 -7.62 1.22 6.14
CA HIS A 80 -8.60 1.75 7.08
C HIS A 80 -9.54 2.71 6.34
N GLU A 81 -9.01 3.33 5.29
CA GLU A 81 -9.79 4.26 4.50
C GLU A 81 -10.63 3.51 3.47
N LEU A 82 -9.95 2.76 2.62
CA LEU A 82 -10.62 1.99 1.59
C LEU A 82 -11.74 1.17 2.22
N GLU A 83 -11.41 0.55 3.35
CA GLU A 83 -12.37 -0.27 4.06
C GLU A 83 -13.50 0.59 4.61
N GLY A 84 -13.16 1.82 4.94
CA GLY A 84 -14.14 2.76 5.47
C GLY A 84 -15.12 3.20 4.39
N GLY A 85 -14.58 3.40 3.20
CA GLY A 85 -15.38 3.82 2.06
C GLY A 85 -14.60 4.75 1.14
N THR A 86 -13.48 5.25 1.66
CA THR A 86 -12.63 6.14 0.90
C THR A 86 -12.10 5.44 -0.35
N ALA A 87 -11.79 6.25 -1.35
CA ALA A 87 -11.28 5.73 -2.60
C ALA A 87 -9.79 5.40 -2.45
N PRO A 88 -9.23 4.70 -3.47
CA PRO A 88 -7.83 4.33 -3.45
C PRO A 88 -6.93 5.54 -3.77
N LYS A 89 -7.57 6.57 -4.29
CA LYS A 89 -6.86 7.79 -4.64
C LYS A 89 -7.23 8.90 -3.66
N ASP A 90 -7.86 8.49 -2.57
CA ASP A 90 -8.29 9.44 -1.55
C ASP A 90 -7.71 9.03 -0.20
N VAL A 91 -6.97 7.92 -0.23
CA VAL A 91 -6.35 7.41 0.98
C VAL A 91 -4.96 8.04 1.15
N CYS A 92 -4.28 8.19 0.03
CA CYS A 92 -2.94 8.78 0.03
C CYS A 92 -3.08 10.27 0.33
N THR A 93 -4.33 10.73 0.38
CA THR A 93 -4.60 12.13 0.66
C THR A 93 -5.33 12.26 2.00
N LYS A 94 -5.92 11.17 2.43
CA LYS A 94 -6.66 11.15 3.69
C LYS A 94 -5.68 11.33 4.85
N LEU A 95 -4.89 10.29 5.09
CA LEU A 95 -3.91 10.32 6.15
C LEU A 95 -2.62 10.96 5.64
N ASN A 96 -2.78 11.90 4.72
CA ASN A 96 -1.64 12.58 4.14
C ASN A 96 -0.49 11.59 3.95
N GLU A 97 -0.86 10.35 3.69
CA GLU A 97 0.12 9.30 3.49
C GLU A 97 1.15 9.73 2.45
N CYS A 98 0.68 9.83 1.22
CA CYS A 98 1.56 10.22 0.12
C CYS A 98 2.28 11.52 0.52
N PRO A 99 3.59 11.36 0.82
CA PRO A 99 4.41 12.50 1.22
C PRO A 99 4.74 13.38 0.02
N ARG A 19 8.27 12.24 0.41
CA ARG A 19 7.22 11.30 0.75
C ARG A 19 6.49 10.84 -0.51
N SER A 20 6.17 11.80 -1.36
CA SER A 20 5.47 11.50 -2.60
C SER A 20 6.44 10.86 -3.60
N ALA A 21 6.58 9.54 -3.47
CA ALA A 21 7.46 8.81 -4.36
C ALA A 21 7.27 7.31 -4.12
N LEU A 22 7.63 6.88 -2.93
CA LEU A 22 7.50 5.47 -2.56
C LEU A 22 6.23 5.28 -1.73
N SER A 23 6.19 5.96 -0.59
CA SER A 23 5.05 5.88 0.29
C SER A 23 3.75 6.08 -0.50
N CYS A 24 3.84 6.95 -1.50
CA CYS A 24 2.69 7.24 -2.33
C CYS A 24 2.37 6.01 -3.17
N GLN A 25 3.18 5.81 -4.20
CA GLN A 25 3.01 4.66 -5.08
C GLN A 25 2.61 3.42 -4.28
N MET A 26 3.40 3.15 -3.25
CA MET A 26 3.15 2.00 -2.40
C MET A 26 1.68 1.94 -1.98
N CYS A 27 1.14 3.11 -1.68
CA CYS A 27 -0.26 3.20 -1.28
C CYS A 27 -1.13 2.64 -2.40
N GLU A 28 -0.66 2.84 -3.63
CA GLU A 28 -1.38 2.37 -4.80
C GLU A 28 -1.12 0.88 -5.01
N LEU A 29 -0.21 0.35 -4.20
CA LEU A 29 0.14 -1.06 -4.29
C LEU A 29 -0.76 -1.87 -3.34
N VAL A 30 -0.92 -1.35 -2.14
CA VAL A 30 -1.74 -2.00 -1.15
C VAL A 30 -3.21 -1.96 -1.58
N VAL A 31 -3.65 -0.76 -1.94
CA VAL A 31 -5.02 -0.57 -2.38
C VAL A 31 -5.27 -1.41 -3.63
N LYS A 32 -4.48 -1.13 -4.67
CA LYS A 32 -4.60 -1.85 -5.92
C LYS A 32 -4.74 -3.35 -5.64
N LYS A 33 -4.05 -3.78 -4.59
CA LYS A 33 -4.08 -5.18 -4.20
C LYS A 33 -5.40 -5.48 -3.48
N TYR A 34 -5.80 -4.53 -2.64
CA TYR A 34 -7.03 -4.69 -1.88
C TYR A 34 -8.25 -4.36 -2.76
N GLU A 35 -8.41 -3.08 -3.05
CA GLU A 35 -9.52 -2.63 -3.87
C GLU A 35 -9.81 -3.64 -4.97
N GLY A 36 -8.74 -4.16 -5.55
CA GLY A 36 -8.87 -5.14 -6.62
C GLY A 36 -8.19 -6.46 -6.24
N SER A 37 -8.57 -6.97 -5.08
CA SER A 37 -8.00 -8.22 -4.59
C SER A 37 -8.87 -9.39 -5.03
N ALA A 38 -10.18 -9.22 -4.85
CA ALA A 38 -11.13 -10.26 -5.22
C ALA A 38 -11.24 -11.26 -4.08
N ASP A 39 -10.37 -11.10 -3.09
CA ASP A 39 -10.37 -11.99 -1.94
C ASP A 39 -10.75 -11.20 -0.70
N LYS A 40 -10.56 -9.90 -0.78
CA LYS A 40 -10.89 -9.02 0.34
C LYS A 40 -10.21 -9.54 1.61
N ASP A 41 -8.89 -9.47 1.59
CA ASP A 41 -8.12 -9.93 2.74
C ASP A 41 -6.84 -9.08 2.86
N ALA A 42 -6.75 -8.37 3.96
CA ALA A 42 -5.60 -7.52 4.22
C ALA A 42 -4.36 -8.39 4.40
N ASN A 43 -4.59 -9.69 4.47
CA ASN A 43 -3.50 -10.64 4.65
C ASN A 43 -2.88 -10.95 3.28
N VAL A 44 -3.74 -11.26 2.33
CA VAL A 44 -3.28 -11.57 0.98
C VAL A 44 -2.98 -10.28 0.24
N ILE A 45 -3.40 -9.17 0.85
CA ILE A 45 -3.17 -7.86 0.25
C ILE A 45 -1.83 -7.31 0.73
N LYS A 46 -1.80 -6.88 1.98
CA LYS A 46 -0.59 -6.33 2.56
C LYS A 46 0.61 -7.15 2.10
N LYS A 47 0.44 -8.46 2.13
CA LYS A 47 1.51 -9.35 1.71
C LYS A 47 1.77 -9.17 0.21
N ASP A 48 0.70 -9.25 -0.55
CA ASP A 48 0.79 -9.10 -2.00
C ASP A 48 1.66 -7.88 -2.32
N PHE A 49 1.28 -6.75 -1.76
CA PHE A 49 2.01 -5.52 -1.96
C PHE A 49 3.53 -5.77 -1.91
N ASP A 50 3.95 -6.41 -0.83
CA ASP A 50 5.36 -6.71 -0.64
C ASP A 50 5.89 -7.42 -1.89
N ALA A 51 5.13 -8.41 -2.35
CA ALA A 51 5.51 -9.16 -3.53
C ALA A 51 5.77 -8.19 -4.69
N GLU A 52 4.71 -7.51 -5.09
CA GLU A 52 4.81 -6.56 -6.19
C GLU A 52 6.05 -5.68 -6.02
N CYS A 53 6.24 -5.22 -4.79
CA CYS A 53 7.38 -4.37 -4.48
C CYS A 53 8.65 -5.11 -4.90
N LYS A 54 8.68 -6.39 -4.58
CA LYS A 54 9.84 -7.22 -4.91
C LYS A 54 9.82 -7.52 -6.42
N LYS A 55 8.81 -6.99 -7.08
CA LYS A 55 8.68 -7.19 -8.52
C LYS A 55 9.05 -5.89 -9.24
N LEU A 56 8.49 -4.79 -8.75
CA LEU A 56 8.75 -3.50 -9.35
C LEU A 56 9.81 -2.76 -8.52
N PHE A 57 9.58 -2.75 -7.21
CA PHE A 57 10.49 -2.09 -6.29
C PHE A 57 11.63 -3.03 -5.88
N HIS A 58 11.76 -4.11 -6.63
CA HIS A 58 12.79 -5.09 -6.36
C HIS A 58 14.17 -4.45 -6.57
N THR A 59 14.38 -3.98 -7.78
CA THR A 59 15.64 -3.34 -8.13
C THR A 59 16.08 -2.37 -7.02
N ILE A 60 15.09 -1.69 -6.46
CA ILE A 60 15.35 -0.74 -5.39
C ILE A 60 15.71 -1.49 -4.12
N PRO A 61 16.72 -0.95 -3.40
CA PRO A 61 17.18 -1.57 -2.15
C PRO A 61 16.18 -1.29 -1.02
N PHE A 62 16.21 -0.07 -0.53
CA PHE A 62 15.32 0.33 0.55
C PHE A 62 13.85 0.17 0.14
N GLY A 63 13.64 0.11 -1.16
CA GLY A 63 12.29 -0.05 -1.69
C GLY A 63 11.60 -1.26 -1.06
N THR A 64 12.32 -2.37 -1.04
CA THR A 64 11.79 -3.60 -0.47
C THR A 64 11.73 -3.50 1.06
N ARG A 65 12.77 -2.89 1.62
CA ARG A 65 12.84 -2.73 3.06
C ARG A 65 11.69 -1.84 3.55
N GLU A 66 11.49 -0.76 2.84
CA GLU A 66 10.44 0.20 3.19
C GLU A 66 9.06 -0.41 2.88
N CYS A 67 9.00 -1.10 1.75
CA CYS A 67 7.76 -1.73 1.33
C CYS A 67 7.32 -2.71 2.41
N ASP A 68 8.29 -3.48 2.89
CA ASP A 68 8.02 -4.47 3.92
C ASP A 68 7.68 -3.74 5.22
N HIS A 69 8.14 -2.50 5.32
CA HIS A 69 7.90 -1.69 6.50
C HIS A 69 6.68 -0.81 6.28
N TYR A 70 6.02 -1.04 5.15
CA TYR A 70 4.84 -0.27 4.80
C TYR A 70 3.57 -1.09 5.03
N VAL A 71 3.67 -2.37 4.73
CA VAL A 71 2.54 -3.28 4.89
C VAL A 71 2.45 -3.72 6.35
N ASN A 72 2.46 -2.73 7.24
CA ASN A 72 2.39 -3.00 8.66
C ASN A 72 2.44 -1.68 9.43
N SER A 73 1.63 -0.74 8.98
CA SER A 73 1.57 0.58 9.61
C SER A 73 0.90 1.58 8.68
N LYS A 74 1.02 1.31 7.38
CA LYS A 74 0.42 2.19 6.38
C LYS A 74 -0.60 1.39 5.57
N VAL A 75 -0.70 0.11 5.90
CA VAL A 75 -1.64 -0.76 5.20
C VAL A 75 -2.91 -0.91 6.04
N ASP A 76 -2.72 -1.09 7.34
CA ASP A 76 -3.83 -1.25 8.26
C ASP A 76 -4.74 -0.03 8.15
N PRO A 77 -4.08 1.17 8.12
CA PRO A 77 -4.82 2.42 8.03
C PRO A 77 -5.37 2.64 6.62
N ILE A 78 -4.47 2.50 5.65
CA ILE A 78 -4.86 2.68 4.25
C ILE A 78 -6.11 1.85 3.96
N ILE A 79 -6.09 0.62 4.44
CA ILE A 79 -7.22 -0.27 4.24
C ILE A 79 -8.38 0.16 5.14
N HIS A 80 -8.03 0.95 6.15
CA HIS A 80 -9.04 1.44 7.07
C HIS A 80 -9.93 2.47 6.38
N GLU A 81 -9.36 3.13 5.38
CA GLU A 81 -10.08 4.13 4.63
C GLU A 81 -10.96 3.48 3.56
N LEU A 82 -10.32 2.62 2.76
CA LEU A 82 -11.02 1.92 1.71
C LEU A 82 -12.14 1.07 2.32
N GLU A 83 -11.81 0.44 3.44
CA GLU A 83 -12.77 -0.40 4.13
C GLU A 83 -13.87 0.45 4.77
N GLY A 84 -13.52 1.70 5.05
CA GLY A 84 -14.46 2.62 5.66
C GLY A 84 -15.45 3.16 4.62
N GLY A 85 -14.94 3.39 3.42
CA GLY A 85 -15.77 3.89 2.34
C GLY A 85 -14.96 4.83 1.43
N THR A 86 -13.84 5.29 1.94
CA THR A 86 -12.98 6.17 1.18
C THR A 86 -12.44 5.47 -0.06
N ALA A 87 -12.08 6.28 -1.05
CA ALA A 87 -11.56 5.74 -2.30
C ALA A 87 -10.04 5.53 -2.15
N PRO A 88 -9.47 4.81 -3.15
CA PRO A 88 -8.04 4.53 -3.14
C PRO A 88 -7.24 5.77 -3.53
N LYS A 89 -7.93 6.73 -4.14
CA LYS A 89 -7.29 7.97 -4.54
C LYS A 89 -7.58 9.05 -3.52
N ASP A 90 -8.15 8.63 -2.39
CA ASP A 90 -8.47 9.55 -1.33
C ASP A 90 -7.63 9.22 -0.09
N VAL A 91 -7.44 7.93 0.13
CA VAL A 91 -6.66 7.48 1.27
C VAL A 91 -5.26 8.12 1.21
N CYS A 92 -4.67 8.07 0.04
CA CYS A 92 -3.35 8.64 -0.16
C CYS A 92 -3.50 10.14 -0.39
N THR A 93 -4.11 10.79 0.58
CA THR A 93 -4.33 12.23 0.51
C THR A 93 -4.51 12.82 1.90
N LYS A 94 -5.52 12.31 2.60
CA LYS A 94 -5.82 12.78 3.94
C LYS A 94 -4.85 12.12 4.93
N LEU A 95 -4.57 10.85 4.67
CA LEU A 95 -3.67 10.09 5.53
C LEU A 95 -2.26 10.65 5.40
N ASN A 96 -2.10 11.58 4.46
CA ASN A 96 -0.82 12.20 4.23
C ASN A 96 0.19 11.14 3.76
N GLU A 97 -0.32 10.19 3.00
CA GLU A 97 0.51 9.11 2.49
C GLU A 97 0.49 9.10 0.96
N CYS A 98 1.09 10.13 0.38
CA CYS A 98 1.15 10.25 -1.07
C CYS A 98 1.72 11.62 -1.41
N PRO A 99 1.06 12.67 -0.86
CA PRO A 99 1.49 14.04 -1.11
C PRO A 99 2.75 14.37 -0.30
N ARG A 19 6.37 13.51 5.33
CA ARG A 19 7.22 12.77 4.41
C ARG A 19 6.50 12.52 3.09
N SER A 20 7.22 12.73 2.00
CA SER A 20 6.66 12.53 0.69
C SER A 20 7.68 11.82 -0.21
N ALA A 21 7.26 10.69 -0.74
CA ALA A 21 8.12 9.90 -1.62
C ALA A 21 7.34 8.69 -2.14
N LEU A 22 8.10 7.64 -2.46
CA LEU A 22 7.50 6.43 -2.98
C LEU A 22 6.47 5.91 -1.96
N SER A 23 6.60 6.38 -0.74
CA SER A 23 5.71 5.98 0.33
C SER A 23 4.26 6.04 -0.16
N CYS A 24 3.96 7.10 -0.90
CA CYS A 24 2.62 7.29 -1.43
C CYS A 24 2.31 6.13 -2.37
N GLN A 25 3.08 6.05 -3.44
CA GLN A 25 2.90 5.00 -4.43
C GLN A 25 2.58 3.67 -3.73
N MET A 26 3.37 3.37 -2.71
CA MET A 26 3.17 2.14 -1.95
C MET A 26 1.71 2.00 -1.50
N CYS A 27 1.16 3.12 -1.05
CA CYS A 27 -0.22 3.13 -0.58
C CYS A 27 -1.12 2.68 -1.75
N GLU A 28 -0.68 3.01 -2.95
CA GLU A 28 -1.43 2.66 -4.15
C GLU A 28 -1.17 1.20 -4.52
N LEU A 29 -0.22 0.61 -3.83
CA LEU A 29 0.13 -0.77 -4.08
C LEU A 29 -0.70 -1.68 -3.17
N VAL A 30 -0.83 -1.26 -1.92
CA VAL A 30 -1.60 -2.02 -0.95
C VAL A 30 -3.08 -1.96 -1.32
N VAL A 31 -3.55 -0.76 -1.60
CA VAL A 31 -4.94 -0.56 -1.97
C VAL A 31 -5.24 -1.34 -3.25
N LYS A 32 -4.48 -1.00 -4.30
CA LYS A 32 -4.66 -1.66 -5.58
C LYS A 32 -4.81 -3.17 -5.36
N LYS A 33 -4.15 -3.66 -4.33
CA LYS A 33 -4.21 -5.07 -3.99
C LYS A 33 -5.48 -5.36 -3.21
N TYR A 34 -5.80 -4.45 -2.31
CA TYR A 34 -7.00 -4.58 -1.48
C TYR A 34 -8.26 -4.34 -2.31
N GLU A 35 -8.41 -3.10 -2.75
CA GLU A 35 -9.57 -2.72 -3.54
C GLU A 35 -9.81 -3.75 -4.65
N GLY A 36 -8.71 -4.23 -5.21
CA GLY A 36 -8.78 -5.21 -6.28
C GLY A 36 -8.35 -6.59 -5.78
N SER A 37 -8.71 -6.88 -4.55
CA SER A 37 -8.37 -8.16 -3.94
C SER A 37 -9.43 -9.20 -4.27
N ALA A 38 -10.66 -8.87 -3.89
CA ALA A 38 -11.78 -9.77 -4.14
C ALA A 38 -11.81 -10.86 -3.05
N ASP A 39 -10.83 -10.78 -2.17
CA ASP A 39 -10.73 -11.74 -1.08
C ASP A 39 -11.01 -11.04 0.24
N LYS A 40 -10.96 -9.72 0.20
CA LYS A 40 -11.20 -8.91 1.39
C LYS A 40 -10.33 -9.43 2.53
N ASP A 41 -9.02 -9.45 2.28
CA ASP A 41 -8.07 -9.92 3.28
C ASP A 41 -6.83 -9.04 3.25
N ALA A 42 -6.64 -8.30 4.34
CA ALA A 42 -5.50 -7.42 4.45
C ALA A 42 -4.23 -8.24 4.59
N ASN A 43 -4.41 -9.54 4.69
CA ASN A 43 -3.29 -10.46 4.83
C ASN A 43 -2.73 -10.77 3.44
N VAL A 44 -3.62 -11.18 2.55
CA VAL A 44 -3.22 -11.51 1.19
C VAL A 44 -2.95 -10.23 0.42
N ILE A 45 -3.35 -9.11 1.02
CA ILE A 45 -3.16 -7.81 0.39
C ILE A 45 -1.76 -7.30 0.72
N LYS A 46 -1.60 -6.84 1.96
CA LYS A 46 -0.32 -6.32 2.40
C LYS A 46 0.80 -7.21 1.88
N LYS A 47 0.52 -8.50 1.85
CA LYS A 47 1.50 -9.47 1.37
C LYS A 47 1.73 -9.27 -0.12
N ASP A 48 0.62 -9.15 -0.85
CA ASP A 48 0.69 -8.96 -2.29
C ASP A 48 1.54 -7.72 -2.59
N PHE A 49 1.25 -6.65 -1.86
CA PHE A 49 1.97 -5.40 -2.04
C PHE A 49 3.48 -5.65 -2.11
N ASP A 50 3.98 -6.32 -1.07
CA ASP A 50 5.40 -6.62 -0.99
C ASP A 50 5.81 -7.43 -2.22
N ALA A 51 4.82 -8.10 -2.81
CA ALA A 51 5.07 -8.92 -3.99
C ALA A 51 5.44 -8.01 -5.15
N GLU A 52 4.43 -7.32 -5.68
CA GLU A 52 4.63 -6.42 -6.80
C GLU A 52 5.76 -5.43 -6.49
N CYS A 53 5.91 -5.14 -5.20
CA CYS A 53 6.94 -4.21 -4.76
C CYS A 53 8.30 -4.86 -5.01
N LYS A 54 8.46 -6.06 -4.46
CA LYS A 54 9.71 -6.79 -4.61
C LYS A 54 10.09 -6.84 -6.10
N LYS A 55 9.10 -6.55 -6.94
CA LYS A 55 9.33 -6.54 -8.38
C LYS A 55 9.45 -5.11 -8.87
N LEU A 56 8.34 -4.39 -8.80
CA LEU A 56 8.32 -3.00 -9.23
C LEU A 56 9.42 -2.22 -8.51
N PHE A 57 9.41 -2.35 -7.19
CA PHE A 57 10.40 -1.67 -6.36
C PHE A 57 11.64 -2.53 -6.18
N HIS A 58 11.99 -3.25 -7.24
CA HIS A 58 13.16 -4.11 -7.21
C HIS A 58 14.38 -3.33 -7.71
N THR A 59 14.83 -2.40 -6.89
CA THR A 59 15.98 -1.58 -7.23
C THR A 59 16.05 -0.35 -6.33
N ILE A 60 14.89 0.22 -6.08
CA ILE A 60 14.81 1.40 -5.23
C ILE A 60 15.78 1.25 -4.05
N PRO A 61 16.40 2.40 -3.67
CA PRO A 61 17.33 2.40 -2.56
C PRO A 61 16.61 2.30 -1.22
N PHE A 62 15.42 1.71 -1.26
CA PHE A 62 14.62 1.55 -0.07
C PHE A 62 13.16 1.25 -0.42
N GLY A 63 12.99 0.43 -1.44
CA GLY A 63 11.66 0.06 -1.89
C GLY A 63 11.21 -1.26 -1.26
N THR A 64 11.95 -2.31 -1.58
CA THR A 64 11.65 -3.63 -1.05
C THR A 64 11.76 -3.64 0.47
N ARG A 65 12.64 -2.78 0.98
CA ARG A 65 12.84 -2.67 2.41
C ARG A 65 11.65 -1.99 3.07
N GLU A 66 11.49 -0.72 2.76
CA GLU A 66 10.39 0.06 3.31
C GLU A 66 9.06 -0.66 3.07
N CYS A 67 9.03 -1.46 2.03
CA CYS A 67 7.84 -2.20 1.69
C CYS A 67 7.52 -3.15 2.85
N ASP A 68 8.50 -3.97 3.19
CA ASP A 68 8.35 -4.93 4.28
C ASP A 68 7.97 -4.17 5.56
N HIS A 69 8.22 -2.87 5.54
CA HIS A 69 7.92 -2.03 6.69
C HIS A 69 6.66 -1.20 6.40
N TYR A 70 6.06 -1.48 5.25
CA TYR A 70 4.86 -0.77 4.85
C TYR A 70 3.61 -1.64 5.04
N VAL A 71 3.69 -2.85 4.49
CA VAL A 71 2.58 -3.79 4.59
C VAL A 71 2.14 -3.88 6.05
N ASN A 72 3.11 -3.80 6.94
CA ASN A 72 2.84 -3.87 8.37
C ASN A 72 2.95 -2.48 8.98
N SER A 73 2.61 -1.48 8.17
CA SER A 73 2.68 -0.10 8.62
C SER A 73 2.12 0.83 7.54
N LYS A 74 0.86 1.20 7.72
CA LYS A 74 0.20 2.08 6.77
C LYS A 74 -0.74 1.26 5.89
N VAL A 75 -0.77 -0.04 6.16
CA VAL A 75 -1.60 -0.95 5.39
C VAL A 75 -2.90 -1.21 6.17
N ASP A 76 -2.83 -0.99 7.48
CA ASP A 76 -3.98 -1.19 8.34
C ASP A 76 -4.93 0.00 8.20
N PRO A 77 -4.33 1.21 8.17
CA PRO A 77 -5.11 2.43 8.04
C PRO A 77 -5.62 2.61 6.61
N ILE A 78 -4.70 2.53 5.67
CA ILE A 78 -5.05 2.67 4.26
C ILE A 78 -6.27 1.82 3.96
N ILE A 79 -6.23 0.58 4.40
CA ILE A 79 -7.33 -0.34 4.19
C ILE A 79 -8.55 0.14 4.96
N HIS A 80 -8.29 0.86 6.04
CA HIS A 80 -9.35 1.38 6.88
C HIS A 80 -10.07 2.51 6.15
N GLU A 81 -9.43 2.99 5.10
CA GLU A 81 -9.98 4.07 4.30
C GLU A 81 -11.00 3.51 3.29
N LEU A 82 -10.55 2.50 2.55
CA LEU A 82 -11.41 1.88 1.56
C LEU A 82 -12.51 1.08 2.25
N GLU A 83 -12.21 0.64 3.46
CA GLU A 83 -13.16 -0.14 4.24
C GLU A 83 -14.33 0.75 4.67
N GLY A 84 -14.01 1.99 5.00
CA GLY A 84 -15.01 2.94 5.43
C GLY A 84 -15.82 3.45 4.23
N GLY A 85 -15.10 3.93 3.23
CA GLY A 85 -15.73 4.45 2.03
C GLY A 85 -14.82 5.48 1.35
N THR A 86 -13.54 5.15 1.28
CA THR A 86 -12.57 6.04 0.67
C THR A 86 -11.89 5.34 -0.51
N ALA A 87 -12.06 5.91 -1.69
CA ALA A 87 -11.46 5.35 -2.89
C ALA A 87 -9.97 5.12 -2.65
N PRO A 88 -9.36 4.30 -3.55
CA PRO A 88 -7.94 4.00 -3.45
C PRO A 88 -7.09 5.17 -3.91
N LYS A 89 -7.73 6.07 -4.66
CA LYS A 89 -7.05 7.24 -5.17
C LYS A 89 -7.32 8.43 -4.25
N ASP A 90 -7.90 8.11 -3.10
CA ASP A 90 -8.22 9.14 -2.12
C ASP A 90 -7.38 8.91 -0.86
N VAL A 91 -7.22 7.64 -0.53
CA VAL A 91 -6.44 7.28 0.66
C VAL A 91 -5.08 7.98 0.60
N CYS A 92 -4.40 7.78 -0.51
CA CYS A 92 -3.09 8.38 -0.70
C CYS A 92 -3.28 9.87 -1.01
N THR A 93 -3.63 10.61 0.03
CA THR A 93 -3.85 12.04 -0.11
C THR A 93 -4.26 12.65 1.23
N LYS A 94 -5.42 12.21 1.71
CA LYS A 94 -5.93 12.71 2.97
C LYS A 94 -5.12 12.10 4.13
N LEU A 95 -4.58 10.92 3.87
CA LEU A 95 -3.78 10.23 4.87
C LEU A 95 -2.43 10.94 5.01
N ASN A 96 -2.24 11.97 4.19
CA ASN A 96 -1.01 12.73 4.22
C ASN A 96 0.15 11.81 3.83
N GLU A 97 -0.18 10.75 3.09
CA GLU A 97 0.82 9.81 2.65
C GLU A 97 1.21 10.08 1.20
N CYS A 98 0.50 11.01 0.60
CA CYS A 98 0.76 11.38 -0.79
C CYS A 98 0.45 12.87 -0.95
N PRO A 99 1.38 13.57 -1.66
CA PRO A 99 1.22 15.00 -1.89
C PRO A 99 0.16 15.25 -2.97
N ARG A 19 10.69 10.44 -0.30
CA ARG A 19 9.39 9.90 -0.68
C ARG A 19 8.64 10.88 -1.57
N SER A 20 8.83 10.71 -2.87
CA SER A 20 8.18 11.58 -3.84
C SER A 20 7.35 10.75 -4.82
N ALA A 21 6.98 9.56 -4.36
CA ALA A 21 6.18 8.66 -5.18
C ALA A 21 5.89 7.38 -4.39
N LEU A 22 6.97 6.74 -3.95
CA LEU A 22 6.85 5.52 -3.18
C LEU A 22 5.65 5.61 -2.24
N SER A 23 5.59 6.73 -1.53
CA SER A 23 4.50 6.96 -0.60
C SER A 23 3.16 6.68 -1.27
N CYS A 24 2.86 7.48 -2.28
CA CYS A 24 1.61 7.33 -3.02
C CYS A 24 1.60 5.95 -3.65
N GLN A 25 2.49 5.76 -4.63
CA GLN A 25 2.59 4.50 -5.33
C GLN A 25 2.27 3.34 -4.38
N MET A 26 3.11 3.21 -3.36
CA MET A 26 2.93 2.15 -2.38
C MET A 26 1.48 2.06 -1.94
N CYS A 27 0.90 3.21 -1.63
CA CYS A 27 -0.48 3.27 -1.19
C CYS A 27 -1.36 2.73 -2.30
N GLU A 28 -0.92 2.96 -3.54
CA GLU A 28 -1.66 2.48 -4.69
C GLU A 28 -1.36 1.00 -4.95
N LEU A 29 -0.45 0.47 -4.16
CA LEU A 29 -0.07 -0.93 -4.28
C LEU A 29 -0.92 -1.77 -3.33
N VAL A 30 -1.13 -1.22 -2.14
CA VAL A 30 -1.92 -1.91 -1.14
C VAL A 30 -3.40 -1.87 -1.54
N VAL A 31 -3.86 -0.66 -1.86
CA VAL A 31 -5.24 -0.48 -2.26
C VAL A 31 -5.52 -1.30 -3.52
N LYS A 32 -4.75 -1.00 -4.56
CA LYS A 32 -4.91 -1.70 -5.83
C LYS A 32 -5.04 -3.20 -5.57
N LYS A 33 -4.34 -3.65 -4.54
CA LYS A 33 -4.37 -5.05 -4.16
C LYS A 33 -5.68 -5.35 -3.41
N TYR A 34 -6.06 -4.41 -2.56
CA TYR A 34 -7.27 -4.57 -1.77
C TYR A 34 -8.51 -4.34 -2.65
N GLU A 35 -8.67 -3.09 -3.06
CA GLU A 35 -9.80 -2.72 -3.90
C GLU A 35 -10.10 -3.83 -4.92
N GLY A 36 -9.02 -4.38 -5.47
CA GLY A 36 -9.15 -5.44 -6.45
C GLY A 36 -8.48 -6.73 -5.96
N SER A 37 -8.78 -7.09 -4.73
CA SER A 37 -8.22 -8.30 -4.13
C SER A 37 -8.97 -9.53 -4.63
N ALA A 38 -10.29 -9.50 -4.43
CA ALA A 38 -11.12 -10.60 -4.86
C ALA A 38 -11.11 -11.69 -3.77
N ASP A 39 -10.25 -11.48 -2.79
CA ASP A 39 -10.13 -12.43 -1.69
C ASP A 39 -10.53 -11.73 -0.38
N LYS A 40 -10.69 -10.42 -0.48
CA LYS A 40 -11.06 -9.63 0.69
C LYS A 40 -10.25 -10.09 1.90
N ASP A 41 -8.96 -9.77 1.85
CA ASP A 41 -8.06 -10.14 2.93
C ASP A 41 -6.89 -9.17 2.97
N ALA A 42 -6.88 -8.34 4.00
CA ALA A 42 -5.82 -7.36 4.17
C ALA A 42 -4.48 -8.08 4.32
N ASN A 43 -4.56 -9.39 4.54
CA ASN A 43 -3.37 -10.21 4.70
C ASN A 43 -2.77 -10.50 3.32
N VAL A 44 -3.66 -10.77 2.37
CA VAL A 44 -3.23 -11.06 1.02
C VAL A 44 -3.05 -9.75 0.24
N ILE A 45 -3.39 -8.67 0.91
CA ILE A 45 -3.27 -7.35 0.29
C ILE A 45 -1.92 -6.74 0.68
N LYS A 46 -1.66 -6.74 1.98
CA LYS A 46 -0.41 -6.20 2.48
C LYS A 46 0.76 -7.07 2.02
N LYS A 47 0.47 -8.35 1.86
CA LYS A 47 1.49 -9.29 1.42
C LYS A 47 1.74 -9.10 -0.08
N ASP A 48 0.64 -9.07 -0.83
CA ASP A 48 0.74 -8.89 -2.27
C ASP A 48 1.58 -7.65 -2.58
N PHE A 49 1.22 -6.56 -1.92
CA PHE A 49 1.94 -5.31 -2.11
C PHE A 49 3.44 -5.49 -1.91
N ASP A 50 3.77 -6.33 -0.92
CA ASP A 50 5.17 -6.60 -0.61
C ASP A 50 5.81 -7.35 -1.79
N ALA A 51 4.98 -8.12 -2.48
CA ALA A 51 5.45 -8.90 -3.62
C ALA A 51 5.84 -7.93 -4.75
N GLU A 52 4.82 -7.36 -5.36
CA GLU A 52 5.04 -6.43 -6.46
C GLU A 52 6.10 -5.39 -6.08
N CYS A 53 6.01 -4.95 -4.83
CA CYS A 53 6.95 -3.96 -4.32
C CYS A 53 8.36 -4.54 -4.42
N LYS A 54 8.54 -5.71 -3.82
CA LYS A 54 9.82 -6.38 -3.83
C LYS A 54 10.23 -6.66 -5.28
N LYS A 55 9.32 -6.34 -6.19
CA LYS A 55 9.57 -6.55 -7.60
C LYS A 55 9.96 -5.22 -8.25
N LEU A 56 8.95 -4.38 -8.44
CA LEU A 56 9.18 -3.08 -9.05
C LEU A 56 10.12 -2.26 -8.17
N PHE A 57 9.80 -2.24 -6.88
CA PHE A 57 10.61 -1.51 -5.92
C PHE A 57 11.78 -2.36 -5.43
N HIS A 58 12.29 -3.18 -6.32
CA HIS A 58 13.41 -4.05 -5.98
C HIS A 58 14.72 -3.33 -6.27
N THR A 59 14.72 -2.56 -7.34
CA THR A 59 15.90 -1.81 -7.73
C THR A 59 16.25 -0.77 -6.66
N ILE A 60 15.24 -0.38 -5.90
CA ILE A 60 15.44 0.60 -4.85
C ILE A 60 16.40 0.03 -3.80
N PRO A 61 17.29 0.93 -3.31
CA PRO A 61 18.27 0.53 -2.30
C PRO A 61 17.61 0.36 -0.93
N PHE A 62 16.30 0.60 -0.90
CA PHE A 62 15.55 0.48 0.33
C PHE A 62 14.07 0.20 0.05
N GLY A 63 13.83 -0.29 -1.16
CA GLY A 63 12.47 -0.60 -1.57
C GLY A 63 11.92 -1.80 -0.77
N THR A 64 12.62 -2.91 -0.87
CA THR A 64 12.21 -4.11 -0.16
C THR A 64 12.08 -3.84 1.34
N ARG A 65 12.93 -2.95 1.82
CA ARG A 65 12.92 -2.59 3.22
C ARG A 65 11.61 -1.87 3.58
N GLU A 66 11.28 -0.87 2.76
CA GLU A 66 10.07 -0.11 2.96
C GLU A 66 8.84 -0.95 2.65
N CYS A 67 9.05 -1.94 1.79
CA CYS A 67 7.97 -2.83 1.40
C CYS A 67 7.32 -3.41 2.67
N ASP A 68 8.16 -4.02 3.49
CA ASP A 68 7.69 -4.61 4.72
C ASP A 68 7.42 -3.50 5.74
N HIS A 69 7.96 -2.32 5.45
CA HIS A 69 7.80 -1.18 6.32
C HIS A 69 6.50 -0.45 5.96
N TYR A 70 5.80 -1.00 4.99
CA TYR A 70 4.55 -0.42 4.55
C TYR A 70 3.36 -1.35 4.84
N VAL A 71 3.58 -2.62 4.59
CA VAL A 71 2.55 -3.62 4.82
C VAL A 71 2.54 -4.00 6.30
N ASN A 72 2.54 -2.98 7.14
CA ASN A 72 2.53 -3.18 8.58
C ASN A 72 2.65 -1.84 9.28
N SER A 73 1.84 -0.89 8.84
CA SER A 73 1.84 0.44 9.42
C SER A 73 1.24 1.45 8.43
N LYS A 74 1.29 1.08 7.16
CA LYS A 74 0.76 1.93 6.11
C LYS A 74 -0.36 1.19 5.38
N VAL A 75 -0.50 -0.09 5.71
CA VAL A 75 -1.52 -0.91 5.09
C VAL A 75 -2.73 -0.99 6.00
N ASP A 76 -2.47 -1.27 7.27
CA ASP A 76 -3.53 -1.38 8.26
C ASP A 76 -4.40 -0.12 8.19
N PRO A 77 -3.72 1.05 8.11
CA PRO A 77 -4.41 2.32 8.03
C PRO A 77 -5.03 2.53 6.66
N ILE A 78 -4.18 2.48 5.64
CA ILE A 78 -4.63 2.66 4.27
C ILE A 78 -5.92 1.88 4.06
N ILE A 79 -5.86 0.58 4.33
CA ILE A 79 -7.01 -0.28 4.18
C ILE A 79 -8.16 0.24 5.06
N HIS A 80 -7.78 0.95 6.11
CA HIS A 80 -8.76 1.51 7.03
C HIS A 80 -9.64 2.53 6.29
N GLU A 81 -9.06 3.13 5.26
CA GLU A 81 -9.78 4.11 4.47
C GLU A 81 -10.74 3.41 3.52
N LEU A 82 -10.19 2.45 2.77
CA LEU A 82 -10.99 1.71 1.82
C LEU A 82 -12.14 1.02 2.54
N GLU A 83 -11.85 0.55 3.74
CA GLU A 83 -12.84 -0.14 4.54
C GLU A 83 -13.90 0.85 5.03
N GLY A 84 -13.48 2.10 5.17
CA GLY A 84 -14.38 3.15 5.62
C GLY A 84 -15.28 3.62 4.49
N GLY A 85 -14.69 3.75 3.31
CA GLY A 85 -15.42 4.18 2.14
C GLY A 85 -14.56 5.07 1.24
N THR A 86 -13.43 5.50 1.80
CA THR A 86 -12.51 6.35 1.07
C THR A 86 -11.98 5.63 -0.17
N ALA A 87 -11.82 6.39 -1.24
CA ALA A 87 -11.32 5.83 -2.49
C ALA A 87 -9.84 5.50 -2.33
N PRO A 88 -9.32 4.75 -3.34
CA PRO A 88 -7.92 4.34 -3.33
C PRO A 88 -7.02 5.52 -3.70
N LYS A 89 -7.61 6.50 -4.38
CA LYS A 89 -6.87 7.68 -4.79
C LYS A 89 -7.09 8.79 -3.77
N ASP A 90 -7.70 8.43 -2.66
CA ASP A 90 -7.98 9.38 -1.60
C ASP A 90 -7.16 9.02 -0.36
N VAL A 91 -6.99 7.73 -0.16
CA VAL A 91 -6.24 7.24 0.98
C VAL A 91 -4.82 7.80 0.93
N CYS A 92 -4.26 7.83 -0.28
CA CYS A 92 -2.92 8.34 -0.48
C CYS A 92 -2.97 9.86 -0.38
N THR A 93 -3.34 10.33 0.80
CA THR A 93 -3.43 11.76 1.04
C THR A 93 -3.89 12.04 2.46
N LYS A 94 -5.08 11.53 2.78
CA LYS A 94 -5.65 11.71 4.10
C LYS A 94 -4.81 10.92 5.12
N LEU A 95 -4.12 9.92 4.62
CA LEU A 95 -3.30 9.07 5.47
C LEU A 95 -1.91 9.72 5.60
N ASN A 96 -1.83 10.97 5.16
CA ASN A 96 -0.56 11.70 5.24
C ASN A 96 0.55 10.84 4.64
N GLU A 97 0.16 9.99 3.69
CA GLU A 97 1.12 9.11 3.04
C GLU A 97 1.84 9.87 1.92
N CYS A 98 1.07 10.25 0.91
CA CYS A 98 1.62 10.97 -0.23
C CYS A 98 2.50 12.10 0.31
N PRO A 99 3.39 12.61 -0.59
CA PRO A 99 4.29 13.68 -0.23
C PRO A 99 3.55 15.02 -0.17
N ARG A 19 7.20 11.03 5.22
CA ARG A 19 6.10 10.30 4.62
C ARG A 19 5.59 11.03 3.37
N SER A 20 6.53 11.34 2.48
CA SER A 20 6.19 12.03 1.25
C SER A 20 7.17 11.65 0.14
N ALA A 21 6.92 10.50 -0.46
CA ALA A 21 7.77 10.01 -1.53
C ALA A 21 7.11 8.79 -2.18
N LEU A 22 7.95 7.83 -2.53
CA LEU A 22 7.46 6.61 -3.17
C LEU A 22 6.40 5.97 -2.28
N SER A 23 6.40 6.37 -1.02
CA SER A 23 5.45 5.84 -0.06
C SER A 23 4.03 5.92 -0.64
N CYS A 24 3.69 7.09 -1.13
CA CYS A 24 2.38 7.32 -1.72
C CYS A 24 2.10 6.17 -2.69
N GLN A 25 3.05 5.96 -3.60
CA GLN A 25 2.91 4.90 -4.58
C GLN A 25 2.53 3.58 -3.91
N MET A 26 3.33 3.21 -2.92
CA MET A 26 3.11 1.98 -2.19
C MET A 26 1.65 1.88 -1.73
N CYS A 27 1.11 3.02 -1.32
CA CYS A 27 -0.26 3.06 -0.86
C CYS A 27 -1.18 2.62 -2.01
N GLU A 28 -0.74 2.92 -3.22
CA GLU A 28 -1.49 2.57 -4.40
C GLU A 28 -1.25 1.09 -4.76
N LEU A 29 -0.33 0.48 -4.03
CA LEU A 29 0.00 -0.91 -4.26
C LEU A 29 -0.84 -1.79 -3.32
N VAL A 30 -1.02 -1.29 -2.10
CA VAL A 30 -1.79 -2.01 -1.11
C VAL A 30 -3.28 -1.93 -1.47
N VAL A 31 -3.65 -0.79 -2.04
CA VAL A 31 -5.03 -0.58 -2.43
C VAL A 31 -5.37 -1.46 -3.63
N LYS A 32 -4.61 -1.28 -4.69
CA LYS A 32 -4.81 -2.05 -5.91
C LYS A 32 -4.91 -3.54 -5.55
N LYS A 33 -4.16 -3.91 -4.52
CA LYS A 33 -4.14 -5.29 -4.06
C LYS A 33 -5.40 -5.56 -3.24
N TYR A 34 -5.76 -4.58 -2.42
CA TYR A 34 -6.93 -4.71 -1.58
C TYR A 34 -8.21 -4.45 -2.38
N GLU A 35 -8.40 -3.18 -2.73
CA GLU A 35 -9.58 -2.80 -3.49
C GLU A 35 -9.93 -3.87 -4.52
N GLY A 36 -8.89 -4.41 -5.14
CA GLY A 36 -9.08 -5.45 -6.14
C GLY A 36 -8.45 -6.78 -5.68
N SER A 37 -8.86 -7.21 -4.50
CA SER A 37 -8.34 -8.44 -3.94
C SER A 37 -9.25 -9.61 -4.34
N ALA A 38 -10.54 -9.42 -4.12
CA ALA A 38 -11.51 -10.44 -4.46
C ALA A 38 -11.62 -11.44 -3.30
N ASP A 39 -10.69 -11.31 -2.36
CA ASP A 39 -10.66 -12.19 -1.21
C ASP A 39 -10.91 -11.36 0.06
N LYS A 40 -10.84 -10.05 -0.11
CA LYS A 40 -11.05 -9.14 1.00
C LYS A 40 -10.27 -9.65 2.22
N ASP A 41 -8.96 -9.68 2.08
CA ASP A 41 -8.10 -10.15 3.17
C ASP A 41 -6.87 -9.23 3.25
N ALA A 42 -6.82 -8.46 4.33
CA ALA A 42 -5.71 -7.55 4.54
C ALA A 42 -4.41 -8.35 4.62
N ASN A 43 -4.57 -9.66 4.78
CA ASN A 43 -3.41 -10.53 4.87
C ASN A 43 -2.87 -10.81 3.47
N VAL A 44 -3.74 -11.37 2.63
CA VAL A 44 -3.35 -11.69 1.27
C VAL A 44 -3.19 -10.40 0.48
N ILE A 45 -3.55 -9.29 1.12
CA ILE A 45 -3.44 -8.00 0.49
C ILE A 45 -2.07 -7.39 0.82
N LYS A 46 -1.83 -7.22 2.11
CA LYS A 46 -0.57 -6.65 2.56
C LYS A 46 0.59 -7.40 1.91
N LYS A 47 0.43 -8.71 1.82
CA LYS A 47 1.45 -9.56 1.23
C LYS A 47 1.52 -9.28 -0.27
N ASP A 48 0.36 -9.31 -0.91
CA ASP A 48 0.27 -9.05 -2.33
C ASP A 48 1.14 -7.84 -2.68
N PHE A 49 0.93 -6.78 -1.93
CA PHE A 49 1.68 -5.55 -2.16
C PHE A 49 3.17 -5.84 -2.31
N ASP A 50 3.76 -6.36 -1.23
CA ASP A 50 5.17 -6.69 -1.23
C ASP A 50 5.52 -7.41 -2.55
N ALA A 51 4.62 -8.28 -2.96
CA ALA A 51 4.82 -9.04 -4.18
C ALA A 51 5.22 -8.08 -5.31
N GLU A 52 4.31 -7.18 -5.62
CA GLU A 52 4.55 -6.20 -6.68
C GLU A 52 5.37 -5.04 -6.13
N CYS A 53 5.95 -5.25 -4.96
CA CYS A 53 6.76 -4.23 -4.33
C CYS A 53 8.23 -4.55 -4.59
N LYS A 54 8.67 -5.68 -4.07
CA LYS A 54 10.05 -6.11 -4.24
C LYS A 54 10.35 -6.28 -5.73
N LYS A 55 9.31 -6.62 -6.47
CA LYS A 55 9.44 -6.80 -7.91
C LYS A 55 9.44 -5.43 -8.60
N LEU A 56 8.39 -4.67 -8.32
CA LEU A 56 8.26 -3.34 -8.90
C LEU A 56 9.45 -2.48 -8.48
N PHE A 57 9.60 -2.36 -7.17
CA PHE A 57 10.70 -1.57 -6.63
C PHE A 57 11.96 -2.41 -6.45
N HIS A 58 12.09 -3.40 -7.33
CA HIS A 58 13.24 -4.29 -7.28
C HIS A 58 14.53 -3.47 -7.40
N THR A 59 14.37 -2.25 -7.91
CA THR A 59 15.50 -1.36 -8.09
C THR A 59 15.23 0.00 -7.43
N ILE A 60 15.25 -0.01 -6.10
CA ILE A 60 15.02 1.20 -5.34
C ILE A 60 15.80 1.15 -4.04
N PRO A 61 16.34 2.34 -3.64
CA PRO A 61 17.11 2.43 -2.41
C PRO A 61 16.19 2.40 -1.18
N PHE A 62 16.24 1.26 -0.49
CA PHE A 62 15.42 1.09 0.69
C PHE A 62 13.96 0.79 0.32
N GLY A 63 13.69 0.84 -0.97
CA GLY A 63 12.36 0.59 -1.47
C GLY A 63 11.78 -0.71 -0.89
N THR A 64 12.48 -1.80 -1.16
CA THR A 64 12.06 -3.10 -0.66
C THR A 64 12.00 -3.10 0.87
N ARG A 65 12.92 -2.34 1.46
CA ARG A 65 12.99 -2.25 2.91
C ARG A 65 11.71 -1.60 3.45
N GLU A 66 11.30 -0.53 2.80
CA GLU A 66 10.11 0.20 3.20
C GLU A 66 8.86 -0.64 2.91
N CYS A 67 8.95 -1.42 1.85
CA CYS A 67 7.84 -2.27 1.46
C CYS A 67 7.36 -3.03 2.68
N ASP A 68 8.23 -3.91 3.17
CA ASP A 68 7.92 -4.71 4.34
C ASP A 68 7.52 -3.79 5.49
N HIS A 69 8.10 -2.59 5.48
CA HIS A 69 7.82 -1.62 6.51
C HIS A 69 6.55 -0.83 6.16
N TYR A 70 5.86 -1.33 5.13
CA TYR A 70 4.63 -0.69 4.68
C TYR A 70 3.43 -1.61 4.89
N VAL A 71 3.65 -2.88 4.61
CA VAL A 71 2.59 -3.87 4.77
C VAL A 71 2.53 -4.32 6.23
N ASN A 72 2.44 -3.34 7.11
CA ASN A 72 2.38 -3.62 8.53
C ASN A 72 2.45 -2.32 9.32
N SER A 73 1.71 -1.33 8.83
CA SER A 73 1.68 -0.02 9.47
C SER A 73 0.98 0.99 8.57
N LYS A 74 1.12 0.77 7.27
CA LYS A 74 0.50 1.65 6.29
C LYS A 74 -0.54 0.87 5.49
N VAL A 75 -0.62 -0.43 5.78
CA VAL A 75 -1.57 -1.29 5.09
C VAL A 75 -2.81 -1.46 5.97
N ASP A 76 -2.63 -1.20 7.27
CA ASP A 76 -3.72 -1.32 8.21
C ASP A 76 -4.64 -0.10 8.09
N PRO A 77 -3.99 1.09 8.02
CA PRO A 77 -4.74 2.33 7.91
C PRO A 77 -5.29 2.52 6.50
N ILE A 78 -4.40 2.36 5.53
CA ILE A 78 -4.79 2.51 4.13
C ILE A 78 -6.06 1.71 3.88
N ILE A 79 -6.05 0.46 4.32
CA ILE A 79 -7.19 -0.41 4.14
C ILE A 79 -8.36 0.12 4.97
N HIS A 80 -8.03 0.84 6.02
CA HIS A 80 -9.03 1.42 6.90
C HIS A 80 -9.72 2.59 6.19
N GLU A 81 -9.07 3.09 5.16
CA GLU A 81 -9.59 4.20 4.39
C GLU A 81 -10.61 3.70 3.36
N LEU A 82 -10.15 2.79 2.52
CA LEU A 82 -11.01 2.22 1.49
C LEU A 82 -12.15 1.46 2.15
N GLU A 83 -11.78 0.62 3.11
CA GLU A 83 -12.76 -0.18 3.83
C GLU A 83 -13.76 0.73 4.54
N GLY A 84 -13.29 1.92 4.88
CA GLY A 84 -14.14 2.89 5.58
C GLY A 84 -15.12 3.54 4.61
N GLY A 85 -14.61 3.88 3.43
CA GLY A 85 -15.42 4.52 2.41
C GLY A 85 -14.57 5.34 1.46
N THR A 86 -13.37 5.69 1.93
CA THR A 86 -12.45 6.48 1.13
C THR A 86 -12.11 5.75 -0.17
N ALA A 87 -11.53 6.50 -1.10
CA ALA A 87 -11.15 5.93 -2.38
C ALA A 87 -9.66 5.56 -2.36
N PRO A 88 -9.25 4.76 -3.37
CA PRO A 88 -7.87 4.33 -3.48
C PRO A 88 -6.98 5.48 -3.98
N LYS A 89 -7.61 6.62 -4.18
CA LYS A 89 -6.89 7.79 -4.65
C LYS A 89 -7.05 8.94 -3.64
N ASP A 90 -7.68 8.61 -2.53
CA ASP A 90 -7.90 9.59 -1.49
C ASP A 90 -7.11 9.19 -0.24
N VAL A 91 -6.66 7.95 -0.23
CA VAL A 91 -5.90 7.43 0.89
C VAL A 91 -4.53 8.10 0.91
N CYS A 92 -3.89 8.12 -0.25
CA CYS A 92 -2.58 8.72 -0.38
C CYS A 92 -2.76 10.22 -0.62
N THR A 93 -3.55 10.83 0.25
CA THR A 93 -3.82 12.26 0.14
C THR A 93 -4.31 12.81 1.48
N LYS A 94 -5.45 12.28 1.92
CA LYS A 94 -6.03 12.70 3.17
C LYS A 94 -5.14 12.27 4.33
N LEU A 95 -4.44 11.17 4.12
CA LEU A 95 -3.54 10.64 5.14
C LEU A 95 -2.16 11.25 4.95
N ASN A 96 -2.12 12.33 4.18
CA ASN A 96 -0.86 13.02 3.91
C ASN A 96 0.17 12.00 3.42
N GLU A 97 -0.33 10.89 2.90
CA GLU A 97 0.53 9.84 2.39
C GLU A 97 0.85 10.08 0.92
N CYS A 98 1.12 11.34 0.60
CA CYS A 98 1.44 11.71 -0.77
C CYS A 98 1.66 13.23 -0.81
N PRO A 99 2.74 13.63 -1.53
CA PRO A 99 3.07 15.04 -1.65
C PRO A 99 2.12 15.74 -2.63
#